data_8WVY
#
_entry.id   8WVY
#
_cell.length_a   1.00
_cell.length_b   1.00
_cell.length_c   1.00
_cell.angle_alpha   90.00
_cell.angle_beta   90.00
_cell.angle_gamma   90.00
#
_symmetry.space_group_name_H-M   'P 1'
#
loop_
_entity.id
_entity.type
_entity.pdbx_description
1 polymer 'Leucine-rich repeat-containing G-protein coupled receptor 4'
2 polymer Norrin
#
loop_
_entity_poly.entity_id
_entity_poly.type
_entity_poly.pdbx_seq_one_letter_code
_entity_poly.pdbx_strand_id
1 'polypeptide(L)'
;MKTIIALSYIFCLVFADYKDDDDAAPPLCAAPCSCDGDRRVDCSGKGLTAVPEGLSAFTQALDISMNNITQLPEDAFKNF
PFLEELQLAGNDLSFIHPKALSGLKELKVLTLQNNQLKTVPSEAIRGLSALQSLRLDANHITSVPEDSFEGLVQLRHLWL
DDNSLTEVPVHPLSNLPTLQALTLALNKISSIPDFAFTNLSSLVVLHLHNNKIRSLSQHCFDGLDNLETLDLNYNNLGEF
PQAIKALPSLKELGFHSNSISVIPDGAFDGNPLLRTIHLYDNPLSFVGNSAFHNLSDLHSLVIRGASMVQQFPNLTGTVH
LESLTLTGTKISSIPNNLCQEQKMLRTLDLSYNNIRDLPSFNGCHALEEISLQRNQIYQIKEGTFQGLISLRILDLSRNL
IHEIHSRAFATLGPITNLDVSFNELTSFPTEGLNGLNQLKLVGNFKLKEALAAKDFVNLRSLSVPYAYQCCAFWGCDSYA
NLNTEDNSLQDHSVAQEKGTADAANVTSTLENEEHSQIIIHCTPSTGAFKPCEYLLGSWMIRLTVWFIFLVALFFNLLVI
LTTFASCTSLPSSKLFIGLISVSNLFMGIYTGILTFLDAVSWGRFAEFGIWWETGSGCKVAGFLAVFSSESAIFLLMLAT
VERSLSAKDIMKNGKSNHLKQFRVAALLAFLGATVAGCFPLFHRGEYSASPLCLPFPTGETPSLGFTVTLVLLNSLAFLL
MAVIYTKLYCNLEKEDLSENSQSSMIKHVAWLIFTNCIFFCPVAFFSFAPLITAISISPEIMKSVTLIFFPLPACLNPVL
YVFFNPKFKEDWKLLKRRVTKKSGSVSVSISS
;
A
2 'polypeptide(L)'
;IMDSDPRRCMRHHYVDSISHPLYKCSSKMVLLARCEGHCSQASRSEPLVSFSTVLKQPFRSSCHCCRPQTSKLKALRLRC
SGGMRLTATYRYILSCHCEECNS
;
E,F
#
# COMPACT_ATOMS: atom_id res chain seq x y z
N CYS A 29 2.42 -46.86 33.20
CA CYS A 29 1.62 -45.63 32.98
C CYS A 29 0.48 -45.57 34.00
N ALA A 30 -0.14 -44.38 34.12
CA ALA A 30 -1.24 -44.21 35.08
C ALA A 30 -2.48 -43.77 34.30
N ALA A 31 -3.67 -43.91 34.85
CA ALA A 31 -4.93 -43.63 34.11
C ALA A 31 -4.94 -42.27 33.39
N PRO A 32 -4.64 -41.11 34.01
CA PRO A 32 -4.80 -39.80 33.35
C PRO A 32 -3.63 -39.11 32.66
N CYS A 33 -2.69 -39.85 32.01
CA CYS A 33 -1.48 -39.17 31.44
C CYS A 33 -1.02 -39.79 30.13
N SER A 34 0.19 -39.45 29.64
CA SER A 34 0.74 -40.12 28.42
C SER A 34 1.93 -40.98 28.85
N CYS A 35 2.82 -40.41 29.64
CA CYS A 35 4.03 -41.15 30.12
C CYS A 35 4.80 -41.71 28.94
N ASP A 36 4.46 -41.26 27.67
CA ASP A 36 5.09 -41.83 26.46
C ASP A 36 6.11 -40.82 25.92
N GLY A 37 7.36 -41.25 25.81
CA GLY A 37 8.41 -40.31 25.40
C GLY A 37 9.68 -40.84 26.03
N ASP A 38 10.79 -40.12 25.87
CA ASP A 38 12.08 -40.57 26.47
C ASP A 38 12.11 -40.09 27.92
N ARG A 39 11.40 -40.80 28.81
CA ARG A 39 11.30 -40.32 30.20
C ARG A 39 10.79 -38.89 30.12
N ARG A 40 9.60 -38.68 29.56
CA ARG A 40 8.99 -37.33 29.44
C ARG A 40 7.49 -37.54 29.59
N VAL A 41 6.94 -37.15 30.71
CA VAL A 41 5.54 -37.39 31.02
C VAL A 41 4.77 -36.10 30.81
N ASP A 42 3.71 -36.18 29.99
CA ASP A 42 2.88 -35.03 29.69
C ASP A 42 1.43 -35.36 30.05
N CYS A 43 0.83 -34.62 30.98
CA CYS A 43 -0.56 -34.80 31.39
C CYS A 43 -1.38 -33.52 31.25
N SER A 44 -0.91 -32.59 30.46
CA SER A 44 -1.62 -31.33 30.30
C SER A 44 -2.93 -31.53 29.54
N GLY A 45 -3.92 -30.73 29.90
CA GLY A 45 -5.22 -30.77 29.25
C GLY A 45 -6.30 -31.53 29.97
N LYS A 46 -6.05 -32.00 31.22
CA LYS A 46 -7.03 -32.76 31.98
C LYS A 46 -7.53 -31.93 33.17
N GLY A 47 -8.38 -32.51 33.93
CA GLY A 47 -8.97 -31.83 35.07
C GLY A 47 -8.38 -32.25 36.39
N LEU A 48 -7.12 -32.71 36.36
CA LEU A 48 -6.46 -33.17 37.58
C LEU A 48 -6.34 -32.02 38.58
N THR A 49 -6.72 -32.26 39.82
CA THR A 49 -6.62 -31.29 40.90
C THR A 49 -5.43 -31.57 41.81
N ALA A 50 -4.60 -32.56 41.48
CA ALA A 50 -3.43 -32.88 42.29
C ALA A 50 -2.42 -33.61 41.41
N VAL A 51 -1.19 -33.66 41.89
CA VAL A 51 -0.12 -34.36 41.16
C VAL A 51 -0.43 -35.84 41.11
N PRO A 52 -0.40 -36.48 39.93
CA PRO A 52 -0.77 -37.90 39.84
C PRO A 52 0.29 -38.80 40.47
N GLU A 53 -0.15 -40.02 40.77
CA GLU A 53 0.72 -41.03 41.37
C GLU A 53 0.78 -42.25 40.47
N GLY A 54 1.89 -42.98 40.56
CA GLY A 54 2.11 -44.16 39.76
C GLY A 54 3.02 -43.97 38.56
N LEU A 55 3.59 -42.80 38.39
CA LEU A 55 4.51 -42.55 37.29
C LEU A 55 5.89 -43.10 37.60
N SER A 56 6.73 -43.17 36.54
CA SER A 56 8.10 -43.64 36.72
C SER A 56 8.91 -42.64 37.52
N ALA A 57 9.86 -43.15 38.27
CA ALA A 57 10.71 -42.31 39.10
C ALA A 57 11.87 -41.70 38.33
N PHE A 58 12.06 -42.07 37.07
CA PHE A 58 13.13 -41.54 36.24
C PHE A 58 12.64 -40.46 35.28
N THR A 59 11.43 -39.91 35.52
CA THR A 59 10.90 -38.87 34.66
C THR A 59 11.77 -37.62 34.73
N GLN A 60 12.11 -37.06 33.58
CA GLN A 60 12.95 -35.87 33.50
C GLN A 60 12.21 -34.63 33.04
N ALA A 61 10.94 -34.73 32.70
CA ALA A 61 10.17 -33.58 32.24
C ALA A 61 8.70 -33.85 32.49
N LEU A 62 8.08 -33.01 33.33
CA LEU A 62 6.67 -33.15 33.65
C LEU A 62 5.93 -31.91 33.15
N ASP A 63 4.82 -32.16 32.42
CA ASP A 63 4.02 -31.07 31.86
C ASP A 63 2.59 -31.27 32.32
N ILE A 64 2.18 -30.61 33.39
CA ILE A 64 0.83 -30.72 33.93
C ILE A 64 0.14 -29.37 33.87
N SER A 65 0.42 -28.60 32.82
CA SER A 65 -0.20 -27.29 32.64
C SER A 65 -1.67 -27.44 32.28
N MET A 66 -2.41 -26.33 32.47
CA MET A 66 -3.84 -26.26 32.14
C MET A 66 -4.65 -27.29 32.91
N ASN A 67 -4.57 -27.20 34.24
CA ASN A 67 -5.32 -28.09 35.11
C ASN A 67 -6.00 -27.29 36.22
N ASN A 68 -6.59 -27.98 37.20
CA ASN A 68 -7.33 -27.34 38.29
C ASN A 68 -6.61 -27.52 39.63
N ILE A 69 -5.28 -27.39 39.62
CA ILE A 69 -4.49 -27.47 40.83
C ILE A 69 -4.36 -26.08 41.42
N THR A 70 -4.83 -25.90 42.67
CA THR A 70 -4.84 -24.58 43.32
C THR A 70 -3.85 -24.47 44.47
N GLN A 71 -3.30 -25.58 44.96
CA GLN A 71 -2.36 -25.52 46.07
C GLN A 71 -1.42 -26.71 45.99
N LEU A 72 -0.16 -26.46 46.34
CA LEU A 72 0.87 -27.50 46.36
C LEU A 72 1.17 -27.88 47.80
N PRO A 73 0.85 -29.09 48.23
CA PRO A 73 1.13 -29.48 49.62
C PRO A 73 2.61 -29.72 49.85
N GLU A 74 2.96 -29.91 51.11
CA GLU A 74 4.35 -30.14 51.49
C GLU A 74 4.83 -31.48 50.93
N ASP A 75 6.05 -31.46 50.35
CA ASP A 75 6.68 -32.65 49.76
C ASP A 75 5.79 -33.26 48.69
N ALA A 76 5.42 -32.46 47.72
CA ALA A 76 4.54 -32.90 46.64
C ALA A 76 5.28 -33.49 45.45
N PHE A 77 6.62 -33.43 45.44
CA PHE A 77 7.43 -33.92 44.33
C PHE A 77 8.55 -34.81 44.85
N LYS A 78 8.22 -35.71 45.77
CA LYS A 78 9.18 -36.64 46.34
C LYS A 78 9.32 -37.92 45.53
N ASN A 79 8.44 -38.16 44.53
CA ASN A 79 8.52 -39.32 43.67
C ASN A 79 9.26 -39.04 42.36
N PHE A 80 9.77 -37.82 42.17
CA PHE A 80 10.49 -37.42 40.96
C PHE A 80 11.80 -36.76 41.35
N PRO A 81 12.77 -37.53 41.84
CA PRO A 81 14.04 -36.93 42.26
C PRO A 81 14.92 -36.49 41.10
N PHE A 82 14.72 -37.02 39.87
CA PHE A 82 15.55 -36.70 38.72
C PHE A 82 14.86 -35.75 37.76
N LEU A 83 13.77 -35.11 38.18
CA LEU A 83 13.04 -34.18 37.32
C LEU A 83 13.89 -32.95 37.04
N GLU A 84 13.86 -32.50 35.78
CA GLU A 84 14.63 -31.33 35.35
C GLU A 84 13.78 -30.19 34.85
N GLU A 85 12.62 -30.44 34.26
CA GLU A 85 11.74 -29.40 33.74
C GLU A 85 10.34 -29.60 34.30
N LEU A 86 9.78 -28.51 34.87
CA LEU A 86 8.46 -28.55 35.46
C LEU A 86 7.64 -27.40 34.92
N GLN A 87 6.43 -27.68 34.45
CA GLN A 87 5.53 -26.68 33.90
C GLN A 87 4.22 -26.67 34.70
N LEU A 88 3.79 -25.49 35.15
CA LEU A 88 2.58 -25.34 35.94
C LEU A 88 1.73 -24.15 35.47
N ALA A 89 1.85 -23.77 34.23
CA ALA A 89 1.10 -22.65 33.71
C ALA A 89 -0.37 -23.01 33.52
N GLY A 90 -1.24 -22.00 33.59
CA GLY A 90 -2.65 -22.17 33.32
C GLY A 90 -3.48 -22.69 34.48
N ASN A 91 -2.87 -23.00 35.64
CA ASN A 91 -3.62 -23.48 36.80
C ASN A 91 -4.17 -22.29 37.59
N ASP A 92 -4.95 -22.59 38.62
CA ASP A 92 -5.47 -21.60 39.56
C ASP A 92 -4.64 -21.60 40.84
N LEU A 93 -3.34 -21.86 40.71
CA LEU A 93 -2.46 -21.99 41.86
C LEU A 93 -2.34 -20.66 42.58
N SER A 94 -2.51 -20.69 43.92
CA SER A 94 -2.44 -19.48 44.72
C SER A 94 -1.69 -19.66 46.03
N PHE A 95 -1.12 -20.81 46.30
CA PHE A 95 -0.39 -21.05 47.56
C PHE A 95 0.64 -22.13 47.32
N ILE A 96 1.88 -21.82 47.61
CA ILE A 96 2.98 -22.78 47.48
C ILE A 96 3.58 -22.98 48.86
N HIS A 97 3.57 -24.21 49.34
CA HIS A 97 4.14 -24.50 50.64
C HIS A 97 5.66 -24.32 50.60
N PRO A 98 6.27 -23.80 51.65
CA PRO A 98 7.73 -23.60 51.63
C PRO A 98 8.53 -24.87 51.38
N LYS A 99 8.05 -26.01 51.80
CA LYS A 99 8.74 -27.26 51.63
C LYS A 99 8.19 -28.09 50.46
N ALA A 100 7.34 -27.50 49.63
CA ALA A 100 6.79 -28.23 48.50
C ALA A 100 7.88 -28.58 47.49
N LEU A 101 8.78 -27.62 47.19
CA LEU A 101 9.84 -27.85 46.21
C LEU A 101 11.12 -28.28 46.94
N SER A 102 11.07 -29.49 47.50
CA SER A 102 12.18 -30.07 48.24
C SER A 102 12.71 -31.28 47.47
N GLY A 103 14.05 -31.36 47.34
CA GLY A 103 14.70 -32.46 46.64
C GLY A 103 14.86 -32.29 45.16
N LEU A 104 14.37 -31.20 44.56
CA LEU A 104 14.53 -30.92 43.13
C LEU A 104 15.82 -30.16 42.87
N LYS A 105 16.97 -30.85 43.08
CA LYS A 105 18.28 -30.25 42.90
C LYS A 105 18.73 -30.19 41.44
N GLU A 106 18.04 -30.90 40.52
CA GLU A 106 18.37 -30.90 39.11
C GLU A 106 17.40 -30.05 38.27
N LEU A 107 16.52 -29.32 38.91
CA LEU A 107 15.55 -28.51 38.19
C LEU A 107 16.24 -27.33 37.51
N LYS A 108 15.92 -27.14 36.23
CA LYS A 108 16.52 -26.07 35.46
C LYS A 108 15.51 -25.09 34.88
N VAL A 109 14.31 -25.54 34.52
CA VAL A 109 13.28 -24.67 33.94
C VAL A 109 12.03 -24.79 34.79
N LEU A 110 11.51 -23.64 35.23
CA LEU A 110 10.30 -23.58 36.05
C LEU A 110 9.40 -22.49 35.51
N THR A 111 8.19 -22.85 35.09
CA THR A 111 7.24 -21.91 34.53
C THR A 111 6.02 -21.82 35.42
N LEU A 112 5.60 -20.60 35.76
CA LEU A 112 4.46 -20.38 36.65
C LEU A 112 3.59 -19.23 36.16
N GLN A 113 3.48 -19.06 34.86
CA GLN A 113 2.68 -17.97 34.34
C GLN A 113 1.19 -18.32 34.35
N ASN A 114 0.35 -17.28 34.19
CA ASN A 114 -1.10 -17.43 34.15
C ASN A 114 -1.65 -18.07 35.43
N ASN A 115 -1.08 -17.69 36.59
CA ASN A 115 -1.55 -18.15 37.89
C ASN A 115 -2.01 -16.95 38.72
N GLN A 116 -2.31 -17.20 40.01
CA GLN A 116 -2.83 -16.15 40.88
C GLN A 116 -1.94 -15.97 42.10
N LEU A 117 -0.62 -15.91 41.89
CA LEU A 117 0.32 -15.67 42.98
C LEU A 117 0.36 -14.18 43.29
N LYS A 118 0.01 -13.82 44.54
CA LYS A 118 0.00 -12.43 44.94
C LYS A 118 1.38 -11.89 45.28
N THR A 119 2.36 -12.75 45.43
CA THR A 119 3.72 -12.32 45.72
C THR A 119 4.69 -13.40 45.28
N VAL A 120 5.92 -12.99 45.13
CA VAL A 120 6.97 -13.92 44.72
C VAL A 120 7.29 -14.85 45.88
N PRO A 121 7.18 -16.15 45.70
CA PRO A 121 7.54 -17.06 46.79
C PRO A 121 9.05 -17.13 47.00
N SER A 122 9.51 -16.48 48.09
CA SER A 122 10.94 -16.41 48.34
C SER A 122 11.46 -17.60 49.14
N GLU A 123 10.66 -18.13 50.02
CA GLU A 123 11.07 -19.26 50.84
C GLU A 123 10.81 -20.60 50.17
N ALA A 124 10.19 -20.62 49.02
CA ALA A 124 9.91 -21.86 48.30
C ALA A 124 10.88 -22.15 47.17
N ILE A 125 11.60 -21.14 46.65
CA ILE A 125 12.57 -21.32 45.59
C ILE A 125 13.99 -21.12 46.10
N ARG A 126 14.19 -21.13 47.41
CA ARG A 126 15.53 -20.93 47.97
C ARG A 126 16.46 -22.08 47.61
N GLY A 127 15.99 -23.32 47.68
CA GLY A 127 16.81 -24.48 47.39
C GLY A 127 16.75 -24.92 45.95
N LEU A 128 17.06 -23.98 45.02
CA LEU A 128 17.02 -24.23 43.58
C LEU A 128 18.29 -23.69 42.93
N SER A 129 19.46 -24.05 43.48
CA SER A 129 20.74 -23.51 43.00
C SER A 129 21.03 -23.88 41.54
N ALA A 130 20.37 -24.91 41.00
CA ALA A 130 20.56 -25.31 39.61
C ALA A 130 19.54 -24.68 38.66
N LEU A 131 18.67 -23.84 39.14
CA LEU A 131 17.66 -23.22 38.30
C LEU A 131 18.29 -22.22 37.34
N GLN A 132 17.77 -22.17 36.10
CA GLN A 132 18.28 -21.27 35.08
C GLN A 132 17.21 -20.37 34.47
N SER A 133 15.98 -20.88 34.27
CA SER A 133 14.90 -20.11 33.68
C SER A 133 13.72 -20.11 34.63
N LEU A 134 13.17 -18.92 34.87
CA LEU A 134 12.02 -18.77 35.76
C LEU A 134 11.03 -17.80 35.15
N ARG A 135 9.76 -18.21 35.04
CA ARG A 135 8.69 -17.37 34.50
C ARG A 135 7.71 -17.04 35.62
N LEU A 136 7.45 -15.76 35.85
CA LEU A 136 6.51 -15.29 36.85
C LEU A 136 5.59 -14.22 36.29
N ASP A 137 5.38 -14.22 34.99
CA ASP A 137 4.54 -13.21 34.35
C ASP A 137 3.07 -13.60 34.44
N ALA A 138 2.20 -12.65 34.07
CA ALA A 138 0.75 -12.82 34.03
C ALA A 138 0.15 -13.14 35.39
N ASN A 139 0.85 -12.85 36.46
CA ASN A 139 0.36 -13.02 37.82
C ASN A 139 -0.10 -11.67 38.37
N HIS A 140 -0.50 -11.66 39.62
CA HIS A 140 -0.93 -10.44 40.30
C HIS A 140 0.11 -9.98 41.32
N ILE A 141 1.40 -10.18 41.01
CA ILE A 141 2.48 -9.83 41.94
C ILE A 141 2.63 -8.31 41.97
N THR A 142 2.53 -7.71 43.19
CA THR A 142 2.69 -6.28 43.36
C THR A 142 3.78 -5.92 44.37
N SER A 143 4.39 -6.91 45.04
CA SER A 143 5.44 -6.66 46.01
C SER A 143 6.54 -7.69 45.84
N VAL A 144 7.78 -7.22 45.90
CA VAL A 144 8.94 -8.10 45.81
C VAL A 144 9.67 -8.09 47.16
N PRO A 145 9.59 -9.17 47.93
CA PRO A 145 10.26 -9.19 49.22
C PRO A 145 11.77 -9.02 49.08
N GLU A 146 12.36 -8.34 50.06
CA GLU A 146 13.79 -7.99 50.00
C GLU A 146 14.68 -9.22 50.10
N ASP A 147 14.17 -10.33 50.60
CA ASP A 147 14.95 -11.56 50.73
C ASP A 147 14.81 -12.47 49.53
N SER A 148 14.09 -12.07 48.50
CA SER A 148 13.88 -12.91 47.33
C SER A 148 15.16 -13.03 46.50
N PHE A 149 15.21 -14.10 45.70
CA PHE A 149 16.31 -14.35 44.76
C PHE A 149 17.65 -14.48 45.49
N GLU A 150 17.63 -15.10 46.68
CA GLU A 150 18.83 -15.38 47.47
C GLU A 150 19.02 -16.89 47.51
N GLY A 151 19.93 -17.39 46.66
CA GLY A 151 20.17 -18.81 46.57
C GLY A 151 20.26 -19.29 45.14
N LEU A 152 19.73 -18.49 44.20
CA LEU A 152 19.76 -18.81 42.78
C LEU A 152 21.08 -18.29 42.21
N VAL A 153 22.11 -19.16 42.19
CA VAL A 153 23.44 -18.77 41.73
C VAL A 153 23.67 -19.07 40.26
N GLN A 154 22.68 -19.65 39.55
CA GLN A 154 22.83 -19.97 38.14
C GLN A 154 21.65 -19.47 37.31
N LEU A 155 20.90 -18.48 37.82
CA LEU A 155 19.75 -17.97 37.07
C LEU A 155 20.22 -17.20 35.84
N ARG A 156 19.51 -17.42 34.72
CA ARG A 156 19.85 -16.79 33.45
C ARG A 156 18.71 -16.00 32.85
N HIS A 157 17.48 -16.49 32.94
CA HIS A 157 16.31 -15.84 32.33
C HIS A 157 15.26 -15.61 33.40
N LEU A 158 14.70 -14.38 33.41
CA LEU A 158 13.71 -14.01 34.40
C LEU A 158 12.58 -13.26 33.72
N TRP A 159 11.33 -13.64 34.00
CA TRP A 159 10.13 -12.99 33.49
C TRP A 159 9.39 -12.34 34.64
N LEU A 160 9.13 -11.03 34.54
CA LEU A 160 8.38 -10.30 35.56
C LEU A 160 7.41 -9.31 34.93
N ASP A 161 6.87 -9.62 33.77
CA ASP A 161 5.98 -8.73 33.05
C ASP A 161 4.52 -9.06 33.38
N ASP A 162 3.59 -8.24 32.88
CA ASP A 162 2.15 -8.42 33.07
C ASP A 162 1.78 -8.47 34.55
N ASN A 163 2.43 -7.63 35.35
CA ASN A 163 2.15 -7.58 36.79
C ASN A 163 1.80 -6.17 37.23
N SER A 164 1.73 -5.97 38.53
CA SER A 164 1.36 -4.68 39.11
C SER A 164 2.50 -4.11 39.94
N LEU A 165 3.74 -4.20 39.41
CA LEU A 165 4.91 -3.66 40.10
C LEU A 165 4.98 -2.15 39.86
N THR A 166 5.13 -1.40 40.97
CA THR A 166 5.21 0.05 40.89
C THR A 166 6.62 0.58 41.03
N GLU A 167 7.61 -0.29 41.28
CA GLU A 167 8.99 0.14 41.40
C GLU A 167 9.91 -1.02 41.07
N VAL A 168 11.14 -0.68 40.77
CA VAL A 168 12.16 -1.69 40.42
C VAL A 168 12.75 -2.27 41.69
N PRO A 169 12.73 -3.59 41.89
CA PRO A 169 13.32 -4.19 43.09
C PRO A 169 14.84 -4.17 43.04
N VAL A 170 15.43 -3.03 43.41
CA VAL A 170 16.87 -2.85 43.25
C VAL A 170 17.63 -3.83 44.14
N HIS A 171 17.28 -3.87 45.43
CA HIS A 171 18.00 -4.73 46.35
C HIS A 171 17.87 -6.22 46.00
N PRO A 172 16.70 -6.75 45.72
CA PRO A 172 16.64 -8.16 45.29
C PRO A 172 17.40 -8.42 43.99
N LEU A 173 17.46 -7.45 43.10
CA LEU A 173 18.14 -7.65 41.83
C LEU A 173 19.66 -7.66 41.97
N SER A 174 20.20 -7.11 43.06
CA SER A 174 21.64 -7.16 43.31
C SER A 174 22.06 -8.47 43.96
N ASN A 175 21.66 -9.60 43.37
CA ASN A 175 22.02 -10.92 43.86
C ASN A 175 22.21 -11.91 42.71
N LEU A 176 22.08 -11.44 41.46
CA LEU A 176 22.12 -12.30 40.28
C LEU A 176 23.13 -11.74 39.29
N PRO A 177 24.44 -11.88 39.56
CA PRO A 177 25.45 -11.38 38.61
C PRO A 177 25.48 -12.14 37.29
N THR A 178 24.87 -13.34 37.22
CA THR A 178 24.89 -14.17 36.02
C THR A 178 23.62 -14.04 35.19
N LEU A 179 22.73 -13.11 35.50
CA LEU A 179 21.50 -12.93 34.75
C LEU A 179 21.80 -12.42 33.35
N GLN A 180 21.08 -12.98 32.35
CA GLN A 180 21.28 -12.62 30.95
C GLN A 180 20.08 -11.96 30.29
N ALA A 181 18.86 -12.26 30.72
CA ALA A 181 17.66 -11.67 30.15
C ALA A 181 16.74 -11.22 31.28
N LEU A 182 16.10 -10.07 31.07
CA LEU A 182 15.20 -9.51 32.06
C LEU A 182 14.12 -8.72 31.35
N THR A 183 12.87 -8.88 31.80
CA THR A 183 11.74 -8.15 31.26
C THR A 183 10.90 -7.58 32.40
N LEU A 184 10.48 -6.34 32.26
CA LEU A 184 9.64 -5.66 33.24
C LEU A 184 8.53 -4.87 32.55
N ALA A 185 8.06 -5.35 31.42
CA ALA A 185 7.06 -4.66 30.63
C ALA A 185 5.67 -4.85 31.22
N LEU A 186 4.72 -4.02 30.75
CA LEU A 186 3.31 -4.09 31.15
C LEU A 186 3.15 -3.98 32.66
N ASN A 187 3.89 -3.03 33.27
CA ASN A 187 3.78 -2.76 34.69
C ASN A 187 3.48 -1.28 34.91
N LYS A 188 3.60 -0.80 36.19
CA LYS A 188 3.28 0.58 36.51
C LYS A 188 4.48 1.29 37.13
N ILE A 189 5.69 1.11 36.55
CA ILE A 189 6.90 1.75 37.05
C ILE A 189 6.93 3.20 36.57
N SER A 190 7.18 4.14 37.49
CA SER A 190 7.14 5.56 37.17
C SER A 190 8.52 6.14 36.89
N SER A 191 9.56 5.72 37.63
CA SER A 191 10.90 6.26 37.44
C SER A 191 11.92 5.20 37.82
N ILE A 192 13.13 5.37 37.32
CA ILE A 192 14.27 4.48 37.59
C ILE A 192 15.26 5.25 38.45
N PRO A 193 15.53 4.82 39.72
CA PRO A 193 16.46 5.57 40.57
C PRO A 193 17.91 5.37 40.18
N ASP A 194 18.84 5.95 40.95
CA ASP A 194 20.27 5.84 40.65
C ASP A 194 20.78 4.45 40.98
N PHE A 195 21.71 3.95 40.14
CA PHE A 195 22.38 2.66 40.35
C PHE A 195 21.38 1.51 40.51
N ALA A 196 20.35 1.52 39.69
CA ALA A 196 19.35 0.46 39.75
C ALA A 196 19.92 -0.88 39.29
N PHE A 197 20.73 -0.88 38.25
CA PHE A 197 21.30 -2.09 37.68
C PHE A 197 22.83 -2.05 37.74
N THR A 198 23.37 -1.68 38.90
CA THR A 198 24.80 -1.52 39.06
C THR A 198 25.52 -2.81 39.43
N ASN A 199 24.89 -3.97 39.27
CA ASN A 199 25.54 -5.23 39.63
C ASN A 199 25.27 -6.33 38.61
N LEU A 200 24.67 -6.01 37.45
CA LEU A 200 24.37 -6.99 36.41
C LEU A 200 25.36 -6.77 35.27
N SER A 201 26.50 -7.46 35.32
CA SER A 201 27.55 -7.30 34.34
C SER A 201 27.43 -8.27 33.17
N SER A 202 26.39 -9.15 33.16
CA SER A 202 26.19 -10.11 32.07
C SER A 202 24.86 -9.93 31.36
N LEU A 203 24.03 -8.94 31.71
CA LEU A 203 22.73 -8.74 31.08
C LEU A 203 22.89 -8.34 29.61
N VAL A 204 22.05 -8.94 28.73
CA VAL A 204 22.14 -8.69 27.30
C VAL A 204 20.83 -8.12 26.78
N VAL A 205 19.71 -8.45 27.41
CA VAL A 205 18.38 -8.04 26.98
C VAL A 205 17.66 -7.42 28.16
N LEU A 206 17.03 -6.26 27.90
CA LEU A 206 16.25 -5.56 28.91
C LEU A 206 15.04 -4.94 28.26
N HIS A 207 13.85 -5.24 28.77
CA HIS A 207 12.58 -4.73 28.26
C HIS A 207 11.91 -3.90 29.34
N LEU A 208 11.51 -2.66 28.98
CA LEU A 208 10.84 -1.77 29.91
C LEU A 208 9.68 -1.03 29.24
N HIS A 209 9.10 -1.62 28.22
CA HIS A 209 8.06 -0.92 27.45
C HIS A 209 6.69 -1.09 28.12
N ASN A 210 5.73 -0.30 27.63
CA ASN A 210 4.34 -0.32 28.12
C ASN A 210 4.27 -0.02 29.61
N ASN A 211 5.09 0.93 30.10
CA ASN A 211 5.07 1.39 31.48
C ASN A 211 4.77 2.88 31.50
N LYS A 212 4.75 3.47 32.72
CA LYS A 212 4.49 4.90 32.92
C LYS A 212 5.75 5.67 33.26
N ILE A 213 6.91 5.25 32.73
CA ILE A 213 8.18 5.90 33.05
C ILE A 213 8.22 7.29 32.43
N ARG A 214 8.54 8.29 33.25
CA ARG A 214 8.61 9.67 32.78
C ARG A 214 9.86 10.41 33.23
N SER A 215 10.78 9.77 33.94
CA SER A 215 12.01 10.42 34.39
C SER A 215 13.08 9.36 34.59
N LEU A 216 14.29 9.68 34.13
CA LEU A 216 15.44 8.80 34.28
C LEU A 216 16.59 9.59 34.89
N SER A 217 17.22 9.07 35.92
CA SER A 217 18.35 9.72 36.55
C SER A 217 19.60 9.55 35.67
N GLN A 218 20.62 10.38 35.96
CA GLN A 218 21.83 10.37 35.16
C GLN A 218 22.58 9.04 35.31
N HIS A 219 22.80 8.63 36.56
CA HIS A 219 23.54 7.39 36.83
C HIS A 219 22.52 6.27 37.13
N CYS A 220 21.90 5.80 36.08
CA CYS A 220 20.93 4.72 36.22
C CYS A 220 21.26 3.49 35.39
N PHE A 221 22.12 3.61 34.37
CA PHE A 221 22.50 2.48 33.52
C PHE A 221 23.97 2.13 33.66
N ASP A 222 24.64 2.54 34.74
CA ASP A 222 26.03 2.22 34.97
C ASP A 222 26.20 0.73 35.25
N GLY A 223 27.30 0.15 34.70
CA GLY A 223 27.60 -1.25 34.89
C GLY A 223 27.03 -2.18 33.84
N LEU A 224 26.22 -1.69 32.90
CA LEU A 224 25.65 -2.51 31.84
C LEU A 224 26.52 -2.43 30.58
N ASP A 225 27.75 -2.94 30.69
CA ASP A 225 28.69 -2.90 29.59
C ASP A 225 28.41 -3.95 28.52
N ASN A 226 27.68 -5.03 28.85
CA ASN A 226 27.36 -6.08 27.91
C ASN A 226 25.96 -5.96 27.32
N LEU A 227 25.21 -4.93 27.70
CA LEU A 227 23.84 -4.77 27.22
C LEU A 227 23.83 -4.46 25.73
N GLU A 228 22.89 -5.12 25.00
CA GLU A 228 22.77 -4.96 23.56
C GLU A 228 21.41 -4.47 23.10
N THR A 229 20.34 -4.78 23.81
CA THR A 229 18.97 -4.41 23.44
C THR A 229 18.34 -3.60 24.57
N LEU A 230 17.77 -2.47 24.20
CA LEU A 230 17.06 -1.62 25.15
C LEU A 230 15.72 -1.24 24.55
N ASP A 231 14.64 -1.40 25.33
CA ASP A 231 13.28 -1.13 24.86
C ASP A 231 12.61 -0.16 25.82
N LEU A 232 12.15 0.97 25.31
CA LEU A 232 11.53 2.01 26.12
C LEU A 232 10.30 2.57 25.41
N ASN A 233 9.55 1.70 24.73
CA ASN A 233 8.39 2.14 23.98
C ASN A 233 7.18 2.31 24.89
N TYR A 234 6.19 3.08 24.41
CA TYR A 234 4.90 3.26 25.07
C TYR A 234 5.05 3.77 26.51
N ASN A 235 5.95 4.76 26.69
CA ASN A 235 6.15 5.41 27.98
C ASN A 235 5.79 6.88 27.86
N ASN A 236 6.06 7.64 28.91
CA ASN A 236 5.74 9.06 28.99
C ASN A 236 6.98 9.90 29.18
N LEU A 237 8.05 9.58 28.44
CA LEU A 237 9.28 10.36 28.53
C LEU A 237 9.07 11.75 27.93
N GLY A 238 9.49 12.75 28.67
CA GLY A 238 9.31 14.13 28.24
C GLY A 238 10.54 14.70 27.58
N GLU A 239 11.72 14.22 28.00
CA GLU A 239 12.98 14.67 27.45
C GLU A 239 13.81 13.46 27.03
N PHE A 240 14.73 13.69 26.11
CA PHE A 240 15.60 12.62 25.65
C PHE A 240 16.52 12.18 26.79
N PRO A 241 16.63 10.87 27.07
CA PRO A 241 17.47 10.42 28.19
C PRO A 241 18.95 10.62 27.89
N GLN A 242 19.64 11.27 28.82
CA GLN A 242 21.08 11.47 28.72
C GLN A 242 21.87 10.36 29.41
N ALA A 243 21.20 9.38 29.98
CA ALA A 243 21.85 8.29 30.67
C ALA A 243 22.28 7.16 29.74
N ILE A 244 21.99 7.22 28.46
CA ILE A 244 22.37 6.17 27.53
C ILE A 244 23.84 6.24 27.12
N LYS A 245 24.58 7.22 27.61
CA LYS A 245 26.03 7.29 27.35
C LYS A 245 26.84 6.43 28.30
N ALA A 246 26.47 5.15 28.43
CA ALA A 246 27.17 4.22 29.32
C ALA A 246 27.12 2.79 28.81
N LEU A 247 26.58 2.55 27.63
CA LEU A 247 26.40 1.21 27.07
C LEU A 247 27.15 1.12 25.74
N PRO A 248 28.46 0.80 25.75
CA PRO A 248 29.21 0.74 24.49
C PRO A 248 28.81 -0.42 23.57
N SER A 249 28.19 -1.46 24.11
CA SER A 249 27.80 -2.62 23.30
C SER A 249 26.38 -2.54 22.79
N LEU A 250 25.67 -1.42 23.02
CA LEU A 250 24.29 -1.28 22.59
C LEU A 250 24.19 -1.33 21.07
N LYS A 251 23.25 -2.12 20.54
CA LYS A 251 23.05 -2.27 19.10
C LYS A 251 21.65 -1.88 18.65
N GLU A 252 20.62 -2.22 19.39
CA GLU A 252 19.24 -1.92 19.05
C GLU A 252 18.62 -1.07 20.14
N LEU A 253 18.03 0.04 19.74
CA LEU A 253 17.40 0.97 20.67
C LEU A 253 16.03 1.36 20.14
N GLY A 254 15.02 1.36 21.04
CA GLY A 254 13.69 1.75 20.68
C GLY A 254 13.03 2.63 21.73
N PHE A 255 12.56 3.81 21.33
CA PHE A 255 11.89 4.72 22.25
C PHE A 255 10.73 5.43 21.55
N HIS A 256 10.04 4.72 20.71
CA HIS A 256 8.93 5.31 19.98
C HIS A 256 7.68 5.38 20.86
N SER A 257 6.67 6.14 20.38
CA SER A 257 5.39 6.33 21.06
C SER A 257 5.56 7.05 22.40
N ASN A 258 6.62 7.89 22.53
CA ASN A 258 6.87 8.70 23.72
C ASN A 258 6.48 10.16 23.43
N SER A 259 6.80 11.07 24.37
CA SER A 259 6.52 12.49 24.24
C SER A 259 7.79 13.31 24.03
N ILE A 260 8.83 12.69 23.43
CA ILE A 260 10.09 13.38 23.18
C ILE A 260 9.91 14.34 22.00
N SER A 261 10.34 15.58 22.19
CA SER A 261 10.18 16.60 21.19
C SER A 261 11.49 17.18 20.67
N VAL A 262 12.54 17.18 21.46
CA VAL A 262 13.83 17.73 21.06
C VAL A 262 14.91 16.67 21.24
N ILE A 263 15.68 16.45 20.20
CA ILE A 263 16.82 15.55 20.26
C ILE A 263 18.08 16.40 20.39
N PRO A 264 18.83 16.32 21.48
CA PRO A 264 19.97 17.21 21.69
C PRO A 264 21.09 16.96 20.67
N ASP A 265 21.86 18.01 20.42
CA ASP A 265 22.98 17.92 19.49
C ASP A 265 24.08 17.07 20.13
N GLY A 266 24.33 15.90 19.54
CA GLY A 266 25.33 15.00 20.07
C GLY A 266 24.76 14.07 21.12
N ALA A 267 23.71 13.34 20.78
CA ALA A 267 23.03 12.47 21.74
C ALA A 267 23.64 11.08 21.76
N PHE A 268 23.69 10.38 20.63
CA PHE A 268 24.22 9.02 20.54
C PHE A 268 25.74 9.05 20.38
N ASP A 269 26.41 9.50 21.44
CA ASP A 269 27.86 9.65 21.42
C ASP A 269 28.57 8.42 21.97
N GLY A 270 28.02 7.79 23.01
CA GLY A 270 28.66 6.64 23.62
C GLY A 270 28.11 5.31 23.13
N ASN A 271 27.44 5.32 21.98
CA ASN A 271 26.84 4.13 21.40
C ASN A 271 27.28 4.02 19.94
N PRO A 272 28.54 3.57 19.69
CA PRO A 272 29.03 3.51 18.30
C PRO A 272 28.59 2.28 17.53
N LEU A 273 27.94 1.32 18.20
CA LEU A 273 27.55 0.08 17.54
C LEU A 273 26.05 0.00 17.28
N LEU A 274 25.36 1.15 17.29
CA LEU A 274 23.93 1.15 17.06
C LEU A 274 23.61 0.74 15.64
N ARG A 275 22.57 -0.10 15.47
CA ARG A 275 22.12 -0.56 14.17
C ARG A 275 20.65 -0.33 13.90
N THR A 276 19.82 -0.12 14.91
CA THR A 276 18.39 0.08 14.73
C THR A 276 17.89 1.06 15.78
N ILE A 277 17.27 2.13 15.32
CA ILE A 277 16.71 3.15 16.21
C ILE A 277 15.27 3.40 15.79
N HIS A 278 14.33 3.29 16.74
CA HIS A 278 12.91 3.56 16.52
C HIS A 278 12.53 4.83 17.27
N LEU A 279 12.06 5.86 16.54
CA LEU A 279 11.68 7.12 17.16
C LEU A 279 10.42 7.72 16.56
N TYR A 280 9.55 6.95 15.99
CA TYR A 280 8.33 7.47 15.40
C TYR A 280 7.25 7.64 16.46
N ASP A 281 6.12 8.23 16.06
CA ASP A 281 5.00 8.54 16.96
C ASP A 281 5.43 9.45 18.11
N ASN A 282 6.27 10.42 17.80
CA ASN A 282 6.72 11.41 18.76
C ASN A 282 6.52 12.81 18.19
N PRO A 283 6.15 13.77 19.03
CA PRO A 283 5.98 15.16 18.55
C PRO A 283 7.31 15.90 18.44
N LEU A 284 8.20 15.36 17.59
CA LEU A 284 9.51 15.98 17.41
C LEU A 284 9.37 17.34 16.75
N SER A 285 10.17 18.29 17.20
CA SER A 285 10.18 19.63 16.63
C SER A 285 11.55 20.08 16.17
N PHE A 286 12.60 19.77 16.90
CA PHE A 286 13.96 20.18 16.56
C PHE A 286 14.90 19.00 16.72
N VAL A 287 15.81 18.87 15.75
CA VAL A 287 16.82 17.83 15.77
C VAL A 287 18.17 18.49 15.56
N GLY A 288 19.14 18.20 16.41
CA GLY A 288 20.46 18.75 16.28
C GLY A 288 21.14 18.34 14.99
N ASN A 289 21.95 19.26 14.42
CA ASN A 289 22.61 19.00 13.14
C ASN A 289 23.61 17.85 13.27
N SER A 290 24.50 17.93 14.24
CA SER A 290 25.50 16.88 14.45
C SER A 290 25.01 15.90 15.52
N ALA A 291 23.96 15.18 15.17
CA ALA A 291 23.33 14.22 16.08
C ALA A 291 23.38 12.79 15.58
N PHE A 292 23.22 12.56 14.29
CA PHE A 292 23.25 11.23 13.71
C PHE A 292 24.54 10.93 12.95
N HIS A 293 25.54 11.80 13.08
CA HIS A 293 26.79 11.58 12.38
C HIS A 293 27.66 10.56 13.12
N ASN A 294 28.61 9.96 12.38
CA ASN A 294 29.58 9.00 12.93
C ASN A 294 28.87 7.78 13.52
N LEU A 295 28.01 7.16 12.69
CA LEU A 295 27.31 5.92 13.03
C LEU A 295 27.44 4.99 11.82
N SER A 296 28.52 4.20 11.79
CA SER A 296 28.84 3.37 10.64
C SER A 296 27.99 2.12 10.53
N ASP A 297 27.21 1.76 11.53
CA ASP A 297 26.41 0.56 11.52
C ASP A 297 24.93 0.81 11.30
N LEU A 298 24.48 2.05 11.31
CA LEU A 298 23.07 2.36 11.08
C LEU A 298 22.69 2.08 9.64
N HIS A 299 21.51 1.50 9.46
CA HIS A 299 21.05 1.11 8.13
C HIS A 299 19.78 1.81 7.68
N SER A 300 19.12 2.57 8.55
CA SER A 300 17.88 3.26 8.19
C SER A 300 17.73 4.49 9.06
N LEU A 301 16.98 5.47 8.53
CA LEU A 301 16.74 6.71 9.26
C LEU A 301 15.46 7.34 8.72
N VAL A 302 14.40 7.32 9.53
CA VAL A 302 13.10 7.89 9.15
C VAL A 302 12.73 8.94 10.17
N ILE A 303 12.62 10.20 9.72
CA ILE A 303 12.25 11.32 10.57
C ILE A 303 11.07 12.04 9.92
N ARG A 304 9.99 12.23 10.64
CA ARG A 304 8.78 12.87 10.15
C ARG A 304 8.28 13.88 11.17
N GLY A 305 7.77 15.01 10.69
CA GLY A 305 7.15 16.01 11.55
C GLY A 305 8.10 17.01 12.18
N ALA A 306 9.39 17.01 11.84
CA ALA A 306 10.36 17.96 12.38
C ALA A 306 10.12 19.32 11.73
N SER A 307 9.20 20.07 12.30
CA SER A 307 8.75 21.32 11.69
C SER A 307 9.84 22.39 11.72
N MET A 308 10.60 22.48 12.81
CA MET A 308 11.58 23.55 13.00
C MET A 308 12.99 23.15 12.57
N VAL A 309 13.11 22.30 11.54
CA VAL A 309 14.39 21.90 10.98
C VAL A 309 14.52 22.52 9.60
N GLN A 310 15.58 23.29 9.38
CA GLN A 310 15.78 24.00 8.12
C GLN A 310 17.11 23.68 7.44
N GLN A 311 17.92 22.78 7.98
CA GLN A 311 19.20 22.41 7.39
C GLN A 311 19.31 20.91 7.27
N PHE A 312 20.02 20.47 6.23
CA PHE A 312 20.22 19.04 6.02
C PHE A 312 21.14 18.49 7.10
N PRO A 313 20.80 17.36 7.74
CA PRO A 313 21.63 16.83 8.82
C PRO A 313 23.00 16.39 8.33
N ASN A 314 23.99 16.51 9.23
CA ASN A 314 25.35 16.07 8.92
C ASN A 314 25.43 14.55 9.01
N LEU A 315 26.05 13.92 8.03
CA LEU A 315 26.15 12.47 7.95
C LEU A 315 27.57 12.05 7.57
N THR A 316 28.55 12.70 8.18
CA THR A 316 29.95 12.35 7.91
C THR A 316 30.34 11.18 8.82
N GLY A 317 30.20 9.96 8.28
CA GLY A 317 30.49 8.76 9.03
C GLY A 317 29.41 7.71 8.89
N THR A 318 28.17 8.13 8.72
CA THR A 318 27.02 7.24 8.52
C THR A 318 26.90 7.00 7.01
N VAL A 319 27.60 5.96 6.55
CA VAL A 319 27.68 5.67 5.12
C VAL A 319 27.10 4.31 4.78
N HIS A 320 26.29 3.72 5.66
CA HIS A 320 25.68 2.42 5.42
C HIS A 320 24.16 2.48 5.49
N LEU A 321 23.55 3.62 5.12
CA LEU A 321 22.11 3.77 5.13
C LEU A 321 21.50 3.13 3.89
N GLU A 322 20.38 2.41 4.07
CA GLU A 322 19.62 1.81 2.99
C GLU A 322 18.26 2.45 2.77
N SER A 323 17.82 3.36 3.62
CA SER A 323 16.54 4.03 3.47
C SER A 323 16.59 5.33 4.27
N LEU A 324 16.45 6.48 3.58
CA LEU A 324 16.46 7.79 4.19
C LEU A 324 15.11 8.46 3.99
N THR A 325 14.52 8.97 5.08
CA THR A 325 13.21 9.61 5.02
C THR A 325 13.26 10.89 5.84
N LEU A 326 13.02 12.03 5.18
CA LEU A 326 13.00 13.34 5.84
C LEU A 326 11.85 14.13 5.21
N THR A 327 10.70 14.15 5.85
CA THR A 327 9.51 14.80 5.34
C THR A 327 8.88 15.66 6.42
N GLY A 328 8.17 16.73 6.01
CA GLY A 328 7.51 17.63 6.93
C GLY A 328 8.40 18.69 7.53
N THR A 329 9.63 18.85 7.01
CA THR A 329 10.59 19.82 7.52
C THR A 329 10.57 21.08 6.66
N LYS A 330 11.47 21.94 7.02
CA LYS A 330 11.64 23.17 6.25
C LYS A 330 12.94 23.16 5.44
N ILE A 331 13.43 21.97 5.10
CA ILE A 331 14.67 21.85 4.34
C ILE A 331 14.45 22.38 2.92
N SER A 332 15.35 23.26 2.51
CA SER A 332 15.25 23.87 1.19
C SER A 332 16.36 23.47 0.24
N SER A 333 17.44 22.82 0.72
CA SER A 333 18.54 22.42 -0.13
C SER A 333 18.97 21.00 0.21
N ILE A 334 19.58 20.36 -0.79
CA ILE A 334 20.11 19.02 -0.63
C ILE A 334 21.61 19.08 -0.90
N PRO A 335 22.45 18.52 -0.04
CA PRO A 335 23.89 18.54 -0.29
C PRO A 335 24.24 17.81 -1.58
N ASN A 336 25.23 18.36 -2.31
CA ASN A 336 25.61 17.79 -3.60
C ASN A 336 26.42 16.51 -3.48
N ASN A 337 26.83 16.15 -2.28
CA ASN A 337 27.65 14.96 -2.07
C ASN A 337 26.87 13.90 -1.29
N LEU A 338 25.55 13.80 -1.53
CA LEU A 338 24.73 12.80 -0.84
C LEU A 338 25.00 11.40 -1.39
N CYS A 339 25.01 11.24 -2.74
CA CYS A 339 25.24 9.92 -3.33
C CYS A 339 26.70 9.52 -3.28
N GLN A 340 27.62 10.47 -3.41
CA GLN A 340 29.04 10.14 -3.46
C GLN A 340 29.53 9.54 -2.14
N GLU A 341 29.08 10.09 -0.99
CA GLU A 341 29.57 9.62 0.30
C GLU A 341 29.08 8.21 0.62
N GLN A 342 27.83 7.97 0.30
CA GLN A 342 27.21 6.69 0.66
C GLN A 342 26.72 6.00 -0.60
N LYS A 343 27.15 4.74 -0.83
CA LYS A 343 26.58 3.90 -1.87
C LYS A 343 25.97 2.67 -1.18
N MET A 344 24.79 2.84 -0.61
CA MET A 344 23.99 1.72 -0.16
C MET A 344 22.49 1.98 -0.29
N LEU A 345 22.07 3.13 -0.85
CA LEU A 345 20.69 3.59 -0.71
C LEU A 345 19.78 2.90 -1.71
N ARG A 346 18.55 2.51 -1.25
CA ARG A 346 17.53 1.90 -2.08
C ARG A 346 16.27 2.75 -2.21
N THR A 347 15.87 3.47 -1.18
CA THR A 347 14.68 4.32 -1.20
C THR A 347 15.05 5.69 -0.66
N LEU A 348 14.34 6.70 -1.16
CA LEU A 348 14.56 8.07 -0.73
C LEU A 348 13.24 8.82 -0.78
N ASP A 349 12.81 9.36 0.39
CA ASP A 349 11.59 10.12 0.50
C ASP A 349 11.92 11.49 1.06
N LEU A 350 11.66 12.56 0.29
CA LEU A 350 11.92 13.93 0.69
C LEU A 350 10.74 14.83 0.36
N SER A 351 9.52 14.33 0.61
CA SER A 351 8.32 15.10 0.32
C SER A 351 8.03 16.10 1.44
N TYR A 352 7.15 17.06 1.13
CA TYR A 352 6.69 18.07 2.08
C TYR A 352 7.86 18.87 2.65
N ASN A 353 8.55 19.56 1.75
CA ASN A 353 9.66 20.43 2.13
C ASN A 353 9.58 21.68 1.24
N ASN A 354 10.65 22.46 1.25
CA ASN A 354 10.74 23.66 0.43
C ASN A 354 11.84 23.53 -0.62
N ILE A 355 12.09 22.30 -1.08
CA ILE A 355 13.16 22.06 -2.04
C ILE A 355 12.74 22.62 -3.40
N ARG A 356 13.65 23.40 -4.02
CA ARG A 356 13.40 23.96 -5.34
C ARG A 356 14.48 23.64 -6.36
N ASP A 357 15.71 23.32 -5.94
CA ASP A 357 16.80 22.94 -6.85
C ASP A 357 17.20 21.51 -6.56
N LEU A 358 17.25 20.71 -7.59
CA LEU A 358 17.58 19.30 -7.44
C LEU A 358 19.05 19.07 -7.80
N PRO A 359 19.88 18.59 -6.90
CA PRO A 359 21.26 18.28 -7.24
C PRO A 359 21.33 17.03 -8.11
N SER A 360 22.49 16.86 -8.76
CA SER A 360 22.71 15.69 -9.60
C SER A 360 22.65 14.42 -8.77
N PHE A 361 21.89 13.44 -9.24
CA PHE A 361 21.74 12.15 -8.57
C PHE A 361 22.74 11.12 -9.06
N ASN A 362 23.68 11.49 -9.93
CA ASN A 362 24.68 10.56 -10.44
C ASN A 362 25.54 10.04 -9.30
N GLY A 363 25.57 8.72 -9.12
CA GLY A 363 26.33 8.10 -8.06
C GLY A 363 25.52 7.09 -7.27
N CYS A 364 24.20 7.34 -7.11
CA CYS A 364 23.29 6.43 -6.42
C CYS A 364 22.93 5.29 -7.38
N HIS A 365 23.85 4.33 -7.50
CA HIS A 365 23.66 3.21 -8.43
C HIS A 365 22.55 2.28 -7.96
N ALA A 366 22.47 2.06 -6.64
CA ALA A 366 21.51 1.11 -6.09
C ALA A 366 20.15 1.74 -5.80
N LEU A 367 19.97 3.05 -6.06
CA LEU A 367 18.71 3.72 -5.74
C LEU A 367 17.59 3.23 -6.66
N GLU A 368 16.39 3.01 -6.06
CA GLU A 368 15.25 2.48 -6.79
C GLU A 368 14.00 3.35 -6.70
N GLU A 369 13.71 3.97 -5.56
CA GLU A 369 12.49 4.76 -5.36
C GLU A 369 12.86 6.17 -4.93
N ILE A 370 12.25 7.16 -5.59
CA ILE A 370 12.46 8.56 -5.27
C ILE A 370 11.10 9.22 -5.10
N SER A 371 10.90 9.93 -3.98
CA SER A 371 9.67 10.66 -3.71
C SER A 371 10.03 12.13 -3.46
N LEU A 372 9.49 13.02 -4.28
CA LEU A 372 9.76 14.45 -4.17
C LEU A 372 8.49 15.27 -4.33
N GLN A 373 7.36 14.71 -3.96
CA GLN A 373 6.09 15.42 -4.12
C GLN A 373 5.95 16.54 -3.08
N ARG A 374 5.11 17.51 -3.40
CA ARG A 374 4.79 18.64 -2.52
C ARG A 374 6.06 19.42 -2.16
N ASN A 375 6.66 20.00 -3.20
CA ASN A 375 7.85 20.83 -3.06
C ASN A 375 7.69 22.03 -3.98
N GLN A 376 8.78 22.74 -4.22
CA GLN A 376 8.78 23.94 -5.06
C GLN A 376 9.74 23.78 -6.23
N ILE A 377 9.83 22.57 -6.78
CA ILE A 377 10.71 22.32 -7.93
C ILE A 377 10.11 22.96 -9.18
N TYR A 378 10.95 23.74 -9.91
CA TYR A 378 10.43 24.51 -11.03
C TYR A 378 11.05 24.09 -12.36
N GLN A 379 12.16 23.35 -12.35
CA GLN A 379 12.84 22.93 -13.57
C GLN A 379 13.43 21.54 -13.40
N ILE A 380 13.63 20.85 -14.53
CA ILE A 380 14.32 19.57 -14.59
C ILE A 380 15.43 19.72 -15.61
N LYS A 381 16.69 19.46 -15.20
CA LYS A 381 17.84 19.65 -16.07
C LYS A 381 18.28 18.32 -16.69
N GLU A 382 19.28 18.40 -17.58
CA GLU A 382 19.76 17.22 -18.30
C GLU A 382 20.38 16.20 -17.35
N GLY A 383 21.22 16.65 -16.44
CA GLY A 383 21.94 15.77 -15.54
C GLY A 383 21.26 15.47 -14.24
N THR A 384 19.94 15.74 -14.09
CA THR A 384 19.26 15.53 -12.83
C THR A 384 19.13 14.03 -12.51
N PHE A 385 18.66 13.24 -13.51
CA PHE A 385 18.42 11.81 -13.29
C PHE A 385 19.38 10.93 -14.07
N GLN A 386 20.50 11.48 -14.53
CA GLN A 386 21.49 10.68 -15.25
C GLN A 386 22.17 9.71 -14.30
N GLY A 387 22.38 8.49 -14.78
CA GLY A 387 23.09 7.49 -14.00
C GLY A 387 22.24 6.83 -12.93
N LEU A 388 21.01 6.42 -13.28
CA LEU A 388 20.12 5.70 -12.38
C LEU A 388 19.64 4.45 -13.12
N ILE A 389 20.45 3.41 -13.05
CA ILE A 389 20.12 2.17 -13.75
C ILE A 389 18.95 1.46 -13.09
N SER A 390 18.90 1.48 -11.75
CA SER A 390 17.91 0.70 -11.01
C SER A 390 16.66 1.49 -10.63
N LEU A 391 16.51 2.72 -11.11
CA LEU A 391 15.34 3.52 -10.77
C LEU A 391 14.07 2.91 -11.34
N ARG A 392 13.06 2.73 -10.48
CA ARG A 392 11.80 2.11 -10.89
C ARG A 392 10.59 3.01 -10.66
N ILE A 393 10.52 3.72 -9.54
CA ILE A 393 9.37 4.56 -9.19
C ILE A 393 9.85 5.98 -9.01
N LEU A 394 9.15 6.93 -9.64
CA LEU A 394 9.46 8.34 -9.53
C LEU A 394 8.17 9.12 -9.28
N ASP A 395 8.24 10.08 -8.34
CA ASP A 395 7.09 10.86 -7.94
C ASP A 395 7.47 12.34 -7.93
N LEU A 396 6.81 13.16 -8.73
CA LEU A 396 7.09 14.59 -8.83
C LEU A 396 5.79 15.39 -8.91
N SER A 397 4.80 14.96 -8.16
CA SER A 397 3.50 15.59 -8.22
C SER A 397 3.41 16.78 -7.26
N ARG A 398 2.61 17.77 -7.64
CA ARG A 398 2.34 18.95 -6.82
C ARG A 398 3.61 19.76 -6.55
N ASN A 399 4.53 19.78 -7.50
CA ASN A 399 5.78 20.52 -7.35
C ASN A 399 5.81 21.83 -8.13
N LEU A 400 4.76 22.11 -8.92
CA LEU A 400 4.72 23.29 -9.78
C LEU A 400 5.85 23.30 -10.81
N ILE A 401 6.18 22.13 -11.35
CA ILE A 401 7.18 22.02 -12.42
C ILE A 401 6.55 22.47 -13.72
N HIS A 402 7.26 23.36 -14.44
CA HIS A 402 6.77 23.85 -15.72
C HIS A 402 7.74 23.65 -16.88
N GLU A 403 9.07 23.45 -16.61
CA GLU A 403 10.06 23.27 -17.65
C GLU A 403 10.74 21.92 -17.46
N ILE A 404 10.62 21.06 -18.46
CA ILE A 404 11.29 19.75 -18.48
C ILE A 404 12.05 19.63 -19.79
N HIS A 405 13.36 19.32 -19.70
CA HIS A 405 14.17 19.18 -20.88
C HIS A 405 13.94 17.80 -21.51
N SER A 406 14.54 17.60 -22.69
CA SER A 406 14.44 16.33 -23.41
C SER A 406 15.44 15.30 -22.93
N ARG A 407 15.96 15.46 -21.72
CA ARG A 407 16.95 14.55 -21.17
C ARG A 407 16.50 14.02 -19.81
N ALA A 408 17.42 13.42 -19.06
CA ALA A 408 17.19 12.90 -17.72
C ALA A 408 16.13 11.80 -17.70
N PHE A 409 15.90 11.12 -18.83
CA PHE A 409 14.97 10.02 -18.91
C PHE A 409 15.52 8.79 -19.63
N ALA A 410 16.57 8.93 -20.42
CA ALA A 410 17.12 7.79 -21.15
C ALA A 410 17.94 6.88 -20.25
N THR A 411 18.61 7.44 -19.25
CA THR A 411 19.48 6.65 -18.39
C THR A 411 18.71 5.72 -17.45
N LEU A 412 17.42 5.98 -17.21
CA LEU A 412 16.60 5.15 -16.34
C LEU A 412 15.72 4.27 -17.23
N GLY A 413 16.20 3.06 -17.53
CA GLY A 413 15.51 2.14 -18.39
C GLY A 413 14.35 1.43 -17.72
N PRO A 414 14.62 0.62 -16.70
CA PRO A 414 13.54 -0.16 -16.05
C PRO A 414 12.72 0.68 -15.08
N ILE A 415 11.90 1.57 -15.64
CA ILE A 415 11.01 2.43 -14.85
C ILE A 415 9.57 2.08 -15.23
N THR A 416 8.73 1.85 -14.23
CA THR A 416 7.34 1.45 -14.43
C THR A 416 6.35 2.55 -14.08
N ASN A 417 6.49 3.18 -12.91
CA ASN A 417 5.57 4.21 -12.45
C ASN A 417 6.21 5.59 -12.62
N LEU A 418 5.44 6.52 -13.19
CA LEU A 418 5.88 7.91 -13.36
C LEU A 418 4.69 8.80 -13.02
N ASP A 419 4.74 9.48 -11.84
CA ASP A 419 3.65 10.32 -11.36
C ASP A 419 4.08 11.77 -11.46
N VAL A 420 3.55 12.48 -12.42
CA VAL A 420 3.73 13.92 -12.57
C VAL A 420 2.33 14.51 -12.76
N SER A 421 1.73 14.95 -11.65
CA SER A 421 0.35 15.42 -11.69
C SER A 421 0.24 16.72 -10.91
N PHE A 422 -0.78 17.51 -11.28
CA PHE A 422 -1.07 18.79 -10.63
C PHE A 422 0.14 19.72 -10.68
N ASN A 423 0.80 19.71 -11.84
CA ASN A 423 1.91 20.61 -12.12
C ASN A 423 1.47 21.65 -13.15
N GLU A 424 2.40 22.46 -13.64
CA GLU A 424 2.15 23.49 -14.64
C GLU A 424 2.85 23.14 -15.95
N LEU A 425 2.78 21.89 -16.36
CA LEU A 425 3.46 21.43 -17.56
C LEU A 425 2.89 22.08 -18.81
N THR A 426 3.79 22.33 -19.79
CA THR A 426 3.38 22.82 -21.10
C THR A 426 3.79 21.91 -22.24
N SER A 427 4.78 21.01 -22.04
CA SER A 427 5.23 20.08 -23.08
C SER A 427 5.89 18.90 -22.40
N PHE A 428 5.38 17.69 -22.65
CA PHE A 428 5.88 16.50 -21.99
C PHE A 428 6.69 15.65 -22.98
N PRO A 429 8.02 15.49 -22.78
CA PRO A 429 8.81 14.64 -23.68
C PRO A 429 8.43 13.17 -23.56
N THR A 430 8.55 12.46 -24.67
CA THR A 430 8.19 11.04 -24.74
C THR A 430 9.39 10.16 -25.09
N GLU A 431 10.60 10.57 -24.74
CA GLU A 431 11.80 9.80 -25.06
C GLU A 431 12.29 9.06 -23.82
N GLY A 432 12.59 7.75 -23.98
CA GLY A 432 13.10 6.94 -22.89
C GLY A 432 12.07 6.44 -21.91
N LEU A 433 10.79 6.65 -22.17
CA LEU A 433 9.71 6.24 -21.27
C LEU A 433 8.84 5.15 -21.89
N ASN A 434 9.40 4.37 -22.81
CA ASN A 434 8.64 3.32 -23.47
C ASN A 434 8.37 2.13 -22.57
N GLY A 435 9.13 1.97 -21.48
CA GLY A 435 8.97 0.87 -20.56
C GLY A 435 8.00 1.10 -19.43
N LEU A 436 7.25 2.24 -19.42
CA LEU A 436 6.32 2.54 -18.35
C LEU A 436 5.16 1.56 -18.33
N ASN A 437 4.64 1.30 -17.10
CA ASN A 437 3.45 0.49 -16.93
C ASN A 437 2.28 1.27 -16.31
N GLN A 438 2.50 2.47 -15.78
CA GLN A 438 1.46 3.28 -15.17
C GLN A 438 1.91 4.73 -15.21
N LEU A 439 1.15 5.59 -15.88
CA LEU A 439 1.47 7.00 -16.03
C LEU A 439 0.34 7.85 -15.47
N LYS A 440 0.69 8.90 -14.77
CA LYS A 440 -0.28 9.83 -14.19
C LYS A 440 0.12 11.25 -14.61
N LEU A 441 -0.71 11.87 -15.45
CA LEU A 441 -0.48 13.23 -15.92
C LEU A 441 -1.77 14.03 -15.87
N VAL A 442 -2.54 13.91 -14.80
CA VAL A 442 -3.84 14.53 -14.64
C VAL A 442 -3.71 15.73 -13.71
N GLY A 443 -4.17 16.90 -14.19
CA GLY A 443 -4.10 18.11 -13.39
C GLY A 443 -3.54 19.29 -14.15
N ASN A 444 -2.75 19.01 -15.20
CA ASN A 444 -2.14 20.06 -16.02
C ASN A 444 -3.17 20.64 -16.97
N PHE A 445 -3.11 21.96 -17.16
CA PHE A 445 -4.04 22.66 -18.03
C PHE A 445 -3.40 23.30 -19.26
N LYS A 446 -2.08 23.49 -19.27
CA LYS A 446 -1.39 24.11 -20.40
C LYS A 446 -0.86 23.09 -21.40
N LEU A 447 -1.12 21.80 -21.21
CA LEU A 447 -0.65 20.75 -22.10
C LEU A 447 -1.81 20.35 -23.02
N LYS A 448 -1.93 21.05 -24.15
CA LYS A 448 -3.02 20.82 -25.11
C LYS A 448 -2.57 20.00 -26.32
N GLU A 449 -1.30 19.63 -26.41
CA GLU A 449 -0.83 18.82 -27.53
C GLU A 449 -1.24 17.37 -27.36
N ALA A 450 -1.13 16.62 -28.43
CA ALA A 450 -1.51 15.22 -28.45
C ALA A 450 -0.27 14.35 -28.24
N LEU A 451 -0.36 13.40 -27.32
CA LEU A 451 0.74 12.47 -27.06
C LEU A 451 0.74 11.35 -28.08
N ALA A 452 1.93 11.00 -28.58
CA ALA A 452 2.05 9.93 -29.57
C ALA A 452 1.67 8.59 -28.95
N ALA A 453 0.84 7.83 -29.68
CA ALA A 453 0.39 6.53 -29.21
C ALA A 453 1.38 5.41 -29.53
N LYS A 454 2.37 5.64 -30.38
CA LYS A 454 3.33 4.61 -30.73
C LYS A 454 4.49 4.51 -29.74
N ASP A 455 4.62 5.49 -28.83
CA ASP A 455 5.71 5.51 -27.87
C ASP A 455 5.32 4.92 -26.52
N PHE A 456 4.09 4.45 -26.36
CA PHE A 456 3.60 3.88 -25.10
C PHE A 456 2.94 2.53 -25.35
N VAL A 457 3.63 1.67 -26.19
CA VAL A 457 3.09 0.35 -26.47
C VAL A 457 3.01 -0.48 -25.19
N ASN A 458 4.03 -0.47 -24.34
CA ASN A 458 4.04 -1.27 -23.13
C ASN A 458 3.19 -0.66 -22.02
N LEU A 459 2.71 0.56 -22.20
CA LEU A 459 1.92 1.22 -21.17
C LEU A 459 0.61 0.48 -20.94
N ARG A 460 0.18 0.46 -19.67
CA ARG A 460 -1.04 -0.24 -19.29
C ARG A 460 -2.05 0.61 -18.54
N SER A 461 -1.62 1.62 -17.83
CA SER A 461 -2.50 2.52 -17.11
C SER A 461 -2.17 3.96 -17.49
N LEU A 462 -3.19 4.75 -17.82
CA LEU A 462 -3.00 6.10 -18.31
C LEU A 462 -4.05 7.04 -17.73
N SER A 463 -3.60 8.24 -17.35
CA SER A 463 -4.49 9.36 -17.05
C SER A 463 -3.97 10.57 -17.80
N VAL A 464 -4.89 11.32 -18.43
CA VAL A 464 -4.49 12.39 -19.35
C VAL A 464 -5.15 13.71 -18.94
N PRO A 465 -4.53 14.85 -19.26
CA PRO A 465 -5.16 16.13 -18.91
C PRO A 465 -6.50 16.38 -19.59
N TYR A 466 -6.71 15.88 -20.83
CA TYR A 466 -7.93 16.12 -21.58
C TYR A 466 -8.55 14.80 -22.00
N ALA A 467 -9.88 14.79 -22.13
CA ALA A 467 -10.61 13.57 -22.47
C ALA A 467 -10.25 13.08 -23.87
N TYR A 468 -10.11 13.99 -24.81
CA TYR A 468 -9.87 13.60 -26.20
C TYR A 468 -8.50 12.95 -26.40
N GLN A 469 -7.61 13.02 -25.38
CA GLN A 469 -6.30 12.40 -25.50
C GLN A 469 -6.35 10.88 -25.43
N CYS A 470 -7.45 10.33 -24.94
CA CYS A 470 -7.58 8.87 -24.92
C CYS A 470 -7.87 8.31 -26.30
N CYS A 471 -8.23 9.13 -27.24
CA CYS A 471 -8.60 8.63 -28.56
C CYS A 471 -7.39 8.04 -29.28
N ALA A 472 -6.20 8.71 -29.15
CA ALA A 472 -5.00 8.22 -29.84
C ALA A 472 -4.57 6.87 -29.28
N PHE A 473 -4.59 6.70 -27.94
CA PHE A 473 -4.19 5.44 -27.32
C PHE A 473 -5.28 4.38 -27.44
N TRP A 474 -6.43 4.67 -26.86
CA TRP A 474 -7.53 3.71 -26.84
C TRP A 474 -8.20 3.69 -28.21
N GLY A 475 -7.71 2.79 -29.02
CA GLY A 475 -8.29 2.66 -30.35
C GLY A 475 -8.03 3.88 -31.20
N CYS A 476 -8.99 4.26 -31.98
CA CYS A 476 -8.89 5.42 -32.85
C CYS A 476 -9.46 6.67 -32.17
N ILE A 519 -6.91 -2.30 -22.89
CA ILE A 519 -6.46 -2.63 -21.55
C ILE A 519 -5.84 -1.40 -20.90
N ILE A 520 -5.74 -0.30 -21.71
CA ILE A 520 -5.14 0.93 -21.19
C ILE A 520 -6.00 1.52 -20.08
N HIS A 521 -7.36 1.62 -20.32
CA HIS A 521 -8.33 2.11 -19.33
C HIS A 521 -7.96 3.51 -18.84
N CYS A 522 -8.06 4.49 -19.79
CA CYS A 522 -7.69 5.86 -19.46
C CYS A 522 -8.72 6.48 -18.52
N THR A 523 -8.28 7.39 -17.66
CA THR A 523 -9.12 7.97 -16.62
C THR A 523 -10.31 8.78 -17.15
N PRO A 524 -10.22 9.70 -18.17
CA PRO A 524 -11.39 10.47 -18.60
C PRO A 524 -12.57 9.62 -19.03
N SER A 525 -12.39 8.52 -19.71
CA SER A 525 -13.43 7.57 -20.10
C SER A 525 -14.50 8.25 -20.96
N THR A 526 -14.10 8.74 -22.15
CA THR A 526 -14.97 9.46 -23.07
C THR A 526 -16.17 8.60 -23.48
N GLY A 527 -17.43 9.27 -23.46
CA GLY A 527 -18.65 8.60 -23.85
C GLY A 527 -19.32 9.20 -25.06
N ALA A 528 -20.74 9.25 -25.04
CA ALA A 528 -21.47 9.82 -26.16
C ALA A 528 -21.25 11.33 -26.28
N PHE A 529 -21.18 11.97 -25.12
CA PHE A 529 -21.02 13.42 -25.14
C PHE A 529 -19.57 13.85 -25.42
N LYS A 530 -18.62 12.91 -25.46
CA LYS A 530 -17.23 13.19 -25.82
C LYS A 530 -16.81 12.24 -26.92
N PRO A 531 -17.36 12.43 -28.15
CA PRO A 531 -17.06 11.48 -29.22
C PRO A 531 -15.65 11.64 -29.75
N CYS A 532 -15.17 10.55 -30.31
CA CYS A 532 -13.84 10.56 -30.89
C CYS A 532 -13.84 10.62 -32.41
N GLU A 533 -14.92 10.14 -33.01
CA GLU A 533 -14.96 10.05 -34.47
C GLU A 533 -16.00 10.97 -35.09
N TYR A 534 -17.27 10.82 -34.61
CA TYR A 534 -18.35 11.58 -35.23
C TYR A 534 -18.99 12.51 -34.20
N LEU A 535 -19.06 13.69 -34.50
CA LEU A 535 -19.66 14.66 -33.59
C LEU A 535 -21.16 14.43 -33.47
N LEU A 536 -21.77 14.50 -34.57
CA LEU A 536 -23.22 14.36 -34.53
C LEU A 536 -23.63 12.95 -34.13
N GLY A 537 -22.91 11.87 -34.68
CA GLY A 537 -23.23 10.50 -34.36
C GLY A 537 -23.50 9.63 -35.56
N SER A 538 -24.61 9.07 -35.66
CA SER A 538 -24.98 8.17 -36.74
C SER A 538 -25.25 8.96 -38.02
N TRP A 539 -25.66 8.25 -39.01
CA TRP A 539 -25.95 8.86 -40.30
C TRP A 539 -27.39 9.35 -40.44
N MET A 540 -28.16 9.14 -39.32
CA MET A 540 -29.53 9.62 -39.34
C MET A 540 -29.68 10.99 -38.70
N ILE A 541 -29.04 11.12 -37.44
CA ILE A 541 -29.09 12.41 -36.78
C ILE A 541 -28.33 13.46 -37.58
N ARG A 542 -27.23 12.97 -38.15
CA ARG A 542 -26.50 13.90 -39.01
C ARG A 542 -27.39 14.40 -40.15
N LEU A 543 -28.16 13.46 -40.75
CA LEU A 543 -29.08 13.87 -41.81
C LEU A 543 -30.21 14.74 -41.26
N THR A 544 -30.74 14.37 -40.00
CA THR A 544 -31.82 15.15 -39.40
C THR A 544 -31.37 16.58 -39.13
N VAL A 545 -30.12 16.77 -38.54
CA VAL A 545 -29.65 18.12 -38.23
C VAL A 545 -29.30 18.87 -39.52
N TRP A 546 -28.83 18.26 -40.59
CA TRP A 546 -28.60 18.92 -41.87
C TRP A 546 -29.90 19.43 -42.47
N PHE A 547 -31.01 18.68 -42.45
CA PHE A 547 -32.31 19.11 -42.95
C PHE A 547 -32.85 20.30 -42.17
N ILE A 548 -32.76 20.31 -40.86
CA ILE A 548 -33.24 21.42 -40.03
C ILE A 548 -32.50 22.70 -40.37
N PHE A 549 -31.22 22.68 -40.54
CA PHE A 549 -30.46 23.87 -40.90
C PHE A 549 -30.85 24.39 -42.28
N LEU A 550 -31.06 23.56 -43.32
CA LEU A 550 -31.39 23.99 -44.68
C LEU A 550 -32.81 24.54 -44.78
N VAL A 551 -33.74 24.23 -43.94
CA VAL A 551 -35.11 24.72 -44.00
C VAL A 551 -35.30 26.00 -43.19
N ALA A 552 -34.92 26.01 -41.98
CA ALA A 552 -35.28 27.09 -41.06
C ALA A 552 -34.65 28.43 -41.48
N LEU A 553 -33.36 28.44 -41.92
CA LEU A 553 -32.69 29.68 -42.28
C LEU A 553 -33.39 30.39 -43.43
N PHE A 554 -33.64 29.69 -44.57
CA PHE A 554 -34.26 30.28 -45.75
C PHE A 554 -35.71 30.68 -45.48
N PHE A 555 -36.53 29.86 -44.76
CA PHE A 555 -37.91 30.20 -44.48
C PHE A 555 -38.00 31.45 -43.61
N ASN A 556 -37.17 31.55 -42.59
CA ASN A 556 -37.17 32.74 -41.75
C ASN A 556 -36.77 33.98 -42.54
N LEU A 557 -35.85 33.93 -43.37
CA LEU A 557 -35.45 35.07 -44.20
C LEU A 557 -36.60 35.52 -45.10
N LEU A 558 -37.32 34.56 -45.73
CA LEU A 558 -38.43 34.91 -46.59
C LEU A 558 -39.55 35.58 -45.79
N VAL A 559 -39.86 35.13 -44.55
CA VAL A 559 -40.91 35.73 -43.73
C VAL A 559 -40.54 37.15 -43.34
N ILE A 560 -39.27 37.43 -42.88
CA ILE A 560 -38.84 38.78 -42.50
C ILE A 560 -38.95 39.72 -43.69
N LEU A 561 -38.49 39.34 -44.82
CA LEU A 561 -38.55 40.19 -46.00
C LEU A 561 -40.00 40.53 -46.36
N THR A 562 -40.93 39.49 -46.21
CA THR A 562 -42.33 39.74 -46.56
C THR A 562 -43.02 40.61 -45.52
N THR A 563 -42.64 40.51 -44.28
CA THR A 563 -43.30 41.30 -43.24
C THR A 563 -42.81 42.74 -43.22
N PHE A 564 -41.55 42.99 -43.26
CA PHE A 564 -41.00 44.34 -43.19
C PHE A 564 -40.80 44.91 -44.60
N ALA A 565 -41.95 45.05 -45.31
CA ALA A 565 -41.95 45.60 -46.66
C ALA A 565 -42.80 46.85 -46.78
N SER A 566 -44.10 46.84 -46.33
CA SER A 566 -45.01 47.96 -46.49
C SER A 566 -44.69 49.08 -45.50
N CYS A 567 -44.96 50.25 -45.92
CA CYS A 567 -44.80 51.43 -45.09
C CYS A 567 -46.03 51.74 -44.26
N THR A 568 -47.18 51.00 -44.49
CA THR A 568 -48.40 51.24 -43.75
C THR A 568 -48.22 50.88 -42.27
N SER A 569 -49.17 51.40 -41.49
CA SER A 569 -49.11 51.15 -40.05
C SER A 569 -49.21 49.65 -39.79
N LEU A 570 -48.38 49.13 -38.97
CA LEU A 570 -48.29 47.71 -38.71
C LEU A 570 -48.97 47.38 -37.38
N PRO A 571 -50.07 46.55 -37.42
CA PRO A 571 -50.66 46.14 -36.14
C PRO A 571 -49.69 45.30 -35.31
N SER A 572 -49.95 45.32 -34.00
CA SER A 572 -49.07 44.60 -33.09
C SER A 572 -49.10 43.10 -33.35
N SER A 573 -50.35 42.54 -33.70
CA SER A 573 -50.46 41.11 -34.02
C SER A 573 -49.61 40.75 -35.22
N LYS A 574 -49.71 41.51 -36.21
CA LYS A 574 -48.80 41.32 -37.34
C LYS A 574 -47.37 41.67 -36.99
N LEU A 575 -47.19 42.50 -36.01
CA LEU A 575 -45.84 42.93 -35.67
C LEU A 575 -45.06 41.81 -34.97
N PHE A 576 -45.64 41.12 -34.01
CA PHE A 576 -44.80 40.15 -33.25
C PHE A 576 -44.25 39.04 -34.15
N ILE A 577 -44.88 38.81 -35.29
CA ILE A 577 -44.45 37.70 -36.20
C ILE A 577 -43.03 37.99 -36.70
N GLY A 578 -42.76 39.24 -37.09
CA GLY A 578 -41.41 39.60 -37.57
C GLY A 578 -40.36 39.28 -36.54
N LEU A 579 -40.65 39.56 -35.26
CA LEU A 579 -39.61 39.36 -34.22
C LEU A 579 -39.52 37.87 -33.88
N ILE A 580 -40.61 37.12 -33.96
CA ILE A 580 -40.44 35.66 -33.72
C ILE A 580 -39.50 35.19 -34.82
N SER A 581 -39.70 35.71 -36.02
CA SER A 581 -38.82 35.32 -37.15
C SER A 581 -37.37 35.68 -36.88
N VAL A 582 -37.09 36.89 -36.39
CA VAL A 582 -35.68 37.31 -36.19
C VAL A 582 -35.06 36.47 -35.09
N SER A 583 -35.83 36.11 -34.07
CA SER A 583 -35.21 35.21 -33.07
C SER A 583 -34.86 33.91 -33.77
N ASN A 584 -35.81 33.31 -34.48
CA ASN A 584 -35.57 31.98 -35.12
C ASN A 584 -34.39 32.08 -36.08
N LEU A 585 -34.37 33.10 -36.94
CA LEU A 585 -33.21 33.28 -37.80
C LEU A 585 -31.91 33.11 -37.03
N PHE A 586 -31.80 33.58 -35.83
CA PHE A 586 -30.62 33.38 -34.99
C PHE A 586 -30.44 31.90 -34.65
N MET A 587 -31.46 31.13 -34.35
CA MET A 587 -31.37 29.70 -34.09
C MET A 587 -30.86 28.95 -35.33
N GLY A 588 -31.29 29.27 -36.51
CA GLY A 588 -30.79 28.66 -37.73
C GLY A 588 -29.32 28.94 -37.98
N ILE A 589 -28.86 30.05 -37.52
CA ILE A 589 -27.43 30.37 -37.62
C ILE A 589 -26.62 29.47 -36.71
N TYR A 590 -27.13 29.14 -35.47
CA TYR A 590 -26.46 28.21 -34.56
C TYR A 590 -26.39 26.80 -35.15
N THR A 591 -27.49 26.28 -35.74
CA THR A 591 -27.50 24.95 -36.36
C THR A 591 -26.54 24.87 -37.53
N GLY A 592 -26.47 25.92 -38.32
CA GLY A 592 -25.53 25.95 -39.43
C GLY A 592 -24.08 25.92 -38.96
N ILE A 593 -23.78 26.63 -37.86
CA ILE A 593 -22.44 26.58 -37.28
C ILE A 593 -22.10 25.16 -36.86
N LEU A 594 -23.03 24.49 -36.22
CA LEU A 594 -22.79 23.11 -35.79
C LEU A 594 -22.56 22.19 -36.99
N THR A 595 -23.36 22.34 -38.07
CA THR A 595 -23.20 21.48 -39.24
C THR A 595 -21.87 21.73 -39.94
N PHE A 596 -21.44 23.02 -40.06
CA PHE A 596 -20.15 23.32 -40.66
C PHE A 596 -19.01 22.75 -39.84
N LEU A 597 -19.10 22.84 -38.53
CA LEU A 597 -18.07 22.24 -37.68
C LEU A 597 -18.01 20.74 -37.86
N ASP A 598 -19.15 20.07 -37.97
CA ASP A 598 -19.17 18.63 -38.21
C ASP A 598 -18.57 18.28 -39.55
N ALA A 599 -18.88 19.04 -40.56
CA ALA A 599 -18.39 18.75 -41.90
C ALA A 599 -16.88 18.95 -41.99
N VAL A 600 -16.37 19.95 -41.28
CA VAL A 600 -14.95 20.23 -41.38
C VAL A 600 -14.14 19.09 -40.78
N SER A 601 -14.54 18.61 -39.60
CA SER A 601 -13.84 17.53 -38.90
C SER A 601 -14.71 16.28 -38.96
N TRP A 602 -14.45 15.42 -39.95
CA TRP A 602 -15.18 14.18 -40.14
C TRP A 602 -14.24 13.01 -39.85
N GLY A 603 -14.55 12.27 -38.81
CA GLY A 603 -13.73 11.13 -38.45
C GLY A 603 -12.44 11.46 -37.76
N ARG A 604 -12.20 12.73 -37.46
CA ARG A 604 -10.96 13.19 -36.83
C ARG A 604 -11.28 14.12 -35.67
N PHE A 605 -12.24 13.73 -34.85
CA PHE A 605 -12.63 14.54 -33.70
C PHE A 605 -11.74 14.26 -32.49
N ALA A 606 -10.40 14.33 -32.84
CA ALA A 606 -9.41 14.15 -31.79
C ALA A 606 -8.56 15.40 -31.58
N GLU A 607 -8.02 15.97 -32.66
CA GLU A 607 -7.23 17.19 -32.57
C GLU A 607 -8.05 18.45 -32.74
N PHE A 608 -9.33 18.34 -33.00
CA PHE A 608 -10.23 19.49 -33.10
C PHE A 608 -11.15 19.60 -31.91
N GLY A 609 -10.88 18.88 -30.88
CA GLY A 609 -11.74 18.91 -29.73
C GLY A 609 -11.28 19.85 -28.64
N ILE A 610 -9.98 19.77 -28.31
CA ILE A 610 -9.45 20.61 -27.22
C ILE A 610 -9.45 22.07 -27.64
N TRP A 611 -9.07 22.37 -28.88
CA TRP A 611 -9.07 23.74 -29.36
C TRP A 611 -10.48 24.31 -29.39
N TRP A 612 -11.46 23.50 -29.78
CA TRP A 612 -12.84 23.95 -29.85
C TRP A 612 -13.44 24.19 -28.48
N GLU A 613 -13.20 23.27 -27.54
CA GLU A 613 -13.87 23.33 -26.24
C GLU A 613 -13.11 24.21 -25.25
N THR A 614 -11.89 24.63 -25.58
CA THR A 614 -11.11 25.49 -24.69
C THR A 614 -10.63 26.73 -25.44
N GLY A 615 -11.50 27.35 -26.20
CA GLY A 615 -11.15 28.52 -26.98
C GLY A 615 -12.24 29.56 -27.01
N SER A 616 -12.47 30.19 -28.10
CA SER A 616 -13.47 31.23 -28.27
C SER A 616 -14.65 30.79 -29.12
N GLY A 617 -14.51 29.74 -29.88
CA GLY A 617 -15.63 29.29 -30.70
C GLY A 617 -16.80 28.78 -29.88
N CYS A 618 -16.52 28.03 -28.83
CA CYS A 618 -17.58 27.48 -28.00
C CYS A 618 -18.38 28.59 -27.33
N LYS A 619 -17.70 29.63 -26.86
CA LYS A 619 -18.39 30.72 -26.17
C LYS A 619 -19.35 31.44 -27.10
N VAL A 620 -18.95 31.68 -28.34
CA VAL A 620 -19.82 32.37 -29.29
C VAL A 620 -21.02 31.50 -29.65
N ALA A 621 -20.78 30.20 -29.91
CA ALA A 621 -21.87 29.30 -30.27
C ALA A 621 -22.86 29.14 -29.14
N GLY A 622 -22.35 29.04 -27.94
CA GLY A 622 -23.25 28.89 -26.81
C GLY A 622 -24.13 30.11 -26.56
N PHE A 623 -23.61 31.29 -26.84
CA PHE A 623 -24.40 32.51 -26.66
C PHE A 623 -25.58 32.56 -27.63
N LEU A 624 -25.36 32.13 -28.88
CA LEU A 624 -26.44 32.18 -29.88
C LEU A 624 -27.57 31.24 -29.52
N ALA A 625 -27.24 30.02 -29.01
CA ALA A 625 -28.28 29.05 -28.68
C ALA A 625 -29.17 29.55 -27.56
N VAL A 626 -28.49 30.08 -26.49
CA VAL A 626 -29.27 30.55 -25.35
C VAL A 626 -30.05 31.81 -25.72
N PHE A 627 -29.42 32.73 -26.43
CA PHE A 627 -30.09 33.97 -26.79
C PHE A 627 -31.28 33.73 -27.72
N SER A 628 -31.11 32.83 -28.72
CA SER A 628 -32.20 32.58 -29.67
C SER A 628 -33.35 31.82 -29.01
N SER A 629 -33.02 30.80 -28.21
CA SER A 629 -34.07 30.00 -27.57
C SER A 629 -34.89 30.82 -26.59
N GLU A 630 -34.24 31.64 -25.77
CA GLU A 630 -34.94 32.38 -24.74
C GLU A 630 -35.70 33.58 -25.29
N SER A 631 -35.21 34.23 -26.35
CA SER A 631 -35.89 35.38 -26.92
C SER A 631 -37.26 34.98 -27.48
N ALA A 632 -37.35 33.83 -28.16
CA ALA A 632 -38.60 33.43 -28.79
C ALA A 632 -39.69 33.20 -27.75
N ILE A 633 -39.36 32.59 -26.64
CA ILE A 633 -40.35 32.32 -25.60
C ILE A 633 -40.89 33.62 -25.02
N PHE A 634 -40.01 34.58 -24.73
CA PHE A 634 -40.44 35.87 -24.20
C PHE A 634 -41.28 36.64 -25.22
N LEU A 635 -40.89 36.62 -26.49
CA LEU A 635 -41.67 37.28 -27.53
C LEU A 635 -43.03 36.61 -27.71
N LEU A 636 -43.14 35.31 -27.63
CA LEU A 636 -44.41 34.61 -27.74
C LEU A 636 -45.34 34.96 -26.58
N MET A 637 -44.80 35.21 -25.40
CA MET A 637 -45.63 35.58 -24.26
C MET A 637 -46.33 36.91 -24.50
N LEU A 638 -45.64 37.89 -25.09
CA LEU A 638 -46.24 39.19 -25.36
C LEU A 638 -47.33 39.08 -26.42
N ALA A 639 -47.18 38.19 -27.40
CA ALA A 639 -48.20 38.02 -28.44
C ALA A 639 -49.51 37.53 -27.86
N THR A 640 -49.45 36.58 -26.92
CA THR A 640 -50.68 36.07 -26.30
C THR A 640 -51.37 37.16 -25.49
N VAL A 641 -50.60 37.95 -24.73
CA VAL A 641 -51.18 39.04 -23.95
C VAL A 641 -51.74 40.11 -24.88
N GLU A 642 -51.08 40.34 -26.00
CA GLU A 642 -51.57 41.35 -26.96
C GLU A 642 -52.95 40.99 -27.47
N ARG A 643 -53.18 39.66 -27.87
CA ARG A 643 -54.51 39.23 -28.29
C ARG A 643 -55.52 39.33 -27.15
N SER A 644 -55.10 38.95 -25.96
CA SER A 644 -55.99 39.02 -24.81
C SER A 644 -56.43 40.45 -24.52
N LEU A 645 -55.49 41.38 -24.59
CA LEU A 645 -55.84 42.77 -24.33
C LEU A 645 -56.72 43.33 -25.44
N SER A 646 -56.47 42.94 -26.72
CA SER A 646 -57.28 43.43 -27.81
C SER A 646 -58.72 42.94 -27.69
N ALA A 647 -58.92 41.66 -27.34
CA ALA A 647 -60.25 41.10 -27.19
C ALA A 647 -60.95 41.66 -25.96
N ASN A 657 -53.84 53.39 -29.17
CA ASN A 657 -54.02 53.37 -27.72
C ASN A 657 -52.87 52.61 -27.05
N HIS A 658 -52.92 51.32 -27.10
CA HIS A 658 -51.91 50.47 -26.49
C HIS A 658 -50.82 50.05 -27.48
N LEU A 659 -50.87 50.57 -28.71
CA LEU A 659 -49.88 50.18 -29.70
C LEU A 659 -48.48 50.69 -29.35
N LYS A 660 -48.39 51.88 -28.69
CA LYS A 660 -47.09 52.44 -28.36
C LYS A 660 -46.34 51.57 -27.37
N GLN A 661 -47.05 51.00 -26.40
CA GLN A 661 -46.39 50.24 -25.36
C GLN A 661 -45.79 48.94 -25.87
N PHE A 662 -46.35 48.41 -26.95
CA PHE A 662 -45.89 47.11 -27.42
C PHE A 662 -44.46 47.18 -27.95
N ARG A 663 -44.09 48.28 -28.63
CA ARG A 663 -42.72 48.41 -29.11
C ARG A 663 -41.72 48.49 -27.96
N VAL A 664 -42.02 49.29 -27.00
CA VAL A 664 -41.16 49.38 -25.83
C VAL A 664 -41.05 48.03 -25.15
N ALA A 665 -42.16 47.29 -25.09
CA ALA A 665 -42.15 45.95 -24.50
C ALA A 665 -41.25 45.01 -25.29
N ALA A 666 -41.30 45.08 -26.63
CA ALA A 666 -40.44 44.25 -27.46
C ALA A 666 -38.97 44.61 -27.25
N LEU A 667 -38.66 45.88 -27.17
CA LEU A 667 -37.29 46.30 -26.88
C LEU A 667 -36.82 45.76 -25.54
N LEU A 668 -37.59 45.80 -24.51
CA LEU A 668 -37.22 45.27 -23.19
C LEU A 668 -37.02 43.76 -23.24
N ALA A 669 -37.85 43.04 -23.99
CA ALA A 669 -37.70 41.59 -24.13
C ALA A 669 -36.38 41.24 -24.80
N PHE A 670 -36.02 41.94 -25.85
CA PHE A 670 -34.73 41.71 -26.50
C PHE A 670 -33.57 42.01 -25.54
N LEU A 671 -33.67 43.08 -24.76
CA LEU A 671 -32.61 43.41 -23.81
C LEU A 671 -32.47 42.33 -22.74
N GLY A 672 -33.57 41.80 -22.22
CA GLY A 672 -33.52 40.72 -21.25
C GLY A 672 -32.97 39.43 -21.82
N ALA A 673 -33.32 39.10 -23.05
CA ALA A 673 -32.80 37.91 -23.70
C ALA A 673 -31.28 38.02 -23.89
N THR A 674 -30.80 39.17 -24.20
CA THR A 674 -29.36 39.36 -24.34
C THR A 674 -28.64 39.15 -23.02
N VAL A 675 -29.20 39.61 -21.85
CA VAL A 675 -28.59 39.44 -20.53
C VAL A 675 -28.60 37.96 -20.13
N ALA A 676 -29.70 37.29 -20.37
CA ALA A 676 -29.78 35.86 -20.06
C ALA A 676 -28.78 35.06 -20.87
N GLY A 677 -28.50 35.42 -22.11
CA GLY A 677 -27.52 34.72 -22.92
C GLY A 677 -26.09 34.98 -22.48
N CYS A 678 -25.77 36.23 -22.10
CA CYS A 678 -24.41 36.59 -21.74
C CYS A 678 -24.05 36.24 -20.29
N PHE A 679 -25.03 35.93 -19.45
CA PHE A 679 -24.72 35.55 -18.08
C PHE A 679 -23.82 34.32 -17.99
N PRO A 680 -24.09 33.23 -18.68
CA PRO A 680 -23.17 32.09 -18.58
C PRO A 680 -21.82 32.33 -19.24
N LEU A 681 -21.61 33.40 -19.95
CA LEU A 681 -20.28 33.53 -20.62
C LEU A 681 -19.20 33.95 -19.62
N PHE A 682 -19.59 34.30 -18.46
CA PHE A 682 -18.60 34.86 -17.49
C PHE A 682 -18.22 33.87 -16.39
N HIS A 683 -19.16 33.03 -15.94
CA HIS A 683 -18.89 32.09 -14.83
C HIS A 683 -18.09 30.90 -15.36
N ARG A 684 -17.79 29.92 -14.51
CA ARG A 684 -16.73 28.91 -14.81
C ARG A 684 -17.31 27.50 -14.76
N GLY A 685 -16.86 26.60 -15.70
CA GLY A 685 -17.36 25.22 -15.75
C GLY A 685 -18.49 25.03 -16.75
N GLU A 686 -19.10 26.16 -17.23
CA GLU A 686 -20.26 26.07 -18.15
C GLU A 686 -19.74 26.10 -19.58
N TYR A 687 -20.61 25.85 -20.58
CA TYR A 687 -20.15 25.76 -21.97
C TYR A 687 -18.89 24.90 -22.09
N SER A 688 -18.76 23.91 -21.21
CA SER A 688 -17.60 23.01 -21.24
C SER A 688 -18.02 21.58 -20.88
N ALA A 689 -19.31 21.20 -21.17
CA ALA A 689 -19.82 19.87 -20.88
C ALA A 689 -19.97 19.01 -22.12
N SER A 690 -20.28 19.54 -23.32
CA SER A 690 -20.43 18.81 -24.57
C SER A 690 -19.82 19.62 -25.71
N PRO A 691 -19.38 19.00 -26.78
CA PRO A 691 -18.85 19.74 -27.93
C PRO A 691 -19.88 20.60 -28.66
N LEU A 692 -21.17 20.44 -28.40
CA LEU A 692 -22.23 21.26 -28.98
C LEU A 692 -22.39 22.60 -28.28
N CYS A 693 -21.90 22.81 -27.08
CA CYS A 693 -22.01 24.03 -26.29
C CYS A 693 -23.46 24.44 -26.07
N LEU A 694 -24.29 23.52 -25.74
CA LEU A 694 -25.68 23.90 -25.39
C LEU A 694 -25.66 24.08 -23.89
N PRO A 695 -26.64 24.81 -23.21
CA PRO A 695 -26.57 25.10 -21.79
C PRO A 695 -27.02 23.93 -20.91
N PHE A 696 -27.91 23.13 -21.51
CA PHE A 696 -28.47 22.03 -20.68
C PHE A 696 -28.11 20.66 -21.26
N PRO A 697 -26.90 20.48 -21.68
CA PRO A 697 -26.56 19.15 -22.15
C PRO A 697 -26.39 18.40 -20.84
N THR A 698 -27.52 18.31 -20.12
CA THR A 698 -27.46 17.61 -18.80
C THR A 698 -26.71 18.51 -17.81
N GLY A 699 -25.52 19.00 -18.19
CA GLY A 699 -24.69 19.79 -17.26
C GLY A 699 -24.56 19.05 -15.94
N GLU A 700 -23.99 17.96 -15.97
CA GLU A 700 -23.84 17.14 -14.73
C GLU A 700 -23.28 18.03 -13.62
N SER A 703 -22.55 22.62 -13.95
CA SER A 703 -23.47 23.79 -13.82
C SER A 703 -24.90 23.31 -13.58
N LEU A 704 -25.33 23.37 -12.33
CA LEU A 704 -26.74 23.03 -12.07
C LEU A 704 -27.42 24.32 -11.63
N GLY A 705 -26.88 25.31 -12.17
CA GLY A 705 -27.46 26.61 -11.88
C GLY A 705 -28.26 27.16 -13.04
N PHE A 706 -27.51 27.87 -13.79
CA PHE A 706 -28.11 28.51 -14.97
C PHE A 706 -29.01 27.56 -15.76
N THR A 707 -28.52 26.17 -15.86
CA THR A 707 -29.34 25.22 -16.62
C THR A 707 -30.70 25.01 -15.95
N VAL A 708 -30.62 24.57 -14.62
CA VAL A 708 -31.88 24.35 -13.91
C VAL A 708 -32.70 25.62 -13.85
N THR A 709 -31.99 26.72 -13.65
CA THR A 709 -32.70 28.00 -13.61
C THR A 709 -33.39 28.27 -14.95
N LEU A 710 -32.78 28.03 -15.98
CA LEU A 710 -33.34 28.29 -17.31
C LEU A 710 -34.49 27.35 -17.64
N VAL A 711 -34.38 26.14 -17.28
CA VAL A 711 -35.46 25.20 -17.59
C VAL A 711 -36.68 25.48 -16.73
N LEU A 712 -36.56 25.90 -15.47
CA LEU A 712 -37.70 26.27 -14.63
C LEU A 712 -38.38 27.53 -15.14
N LEU A 713 -37.68 28.56 -15.58
CA LEU A 713 -38.28 29.79 -16.12
C LEU A 713 -39.06 29.50 -17.39
N ASN A 714 -38.59 28.71 -18.25
CA ASN A 714 -39.30 28.35 -19.47
C ASN A 714 -40.60 27.60 -19.17
N SER A 715 -40.61 26.72 -18.19
CA SER A 715 -41.82 26.00 -17.81
C SER A 715 -42.87 26.94 -17.24
N LEU A 716 -42.51 27.96 -16.39
CA LEU A 716 -43.45 28.91 -15.83
C LEU A 716 -44.06 29.79 -16.91
N ALA A 717 -43.38 30.28 -17.90
CA ALA A 717 -43.90 31.10 -18.99
C ALA A 717 -44.90 30.33 -19.84
N PHE A 718 -44.73 29.10 -20.18
CA PHE A 718 -45.65 28.30 -20.97
C PHE A 718 -46.96 28.06 -20.23
N LEU A 719 -46.95 27.79 -18.94
CA LEU A 719 -48.16 27.60 -18.15
C LEU A 719 -48.99 28.87 -18.11
N LEU A 720 -48.42 30.04 -17.96
CA LEU A 720 -49.15 31.30 -17.94
C LEU A 720 -49.84 31.57 -19.27
N MET A 721 -49.18 31.39 -20.47
CA MET A 721 -49.79 31.57 -21.79
C MET A 721 -50.98 30.62 -21.98
N ALA A 722 -50.90 29.39 -21.56
CA ALA A 722 -51.99 28.43 -21.69
C ALA A 722 -53.20 28.86 -20.88
N VAL A 723 -52.88 29.33 -19.63
CA VAL A 723 -53.99 29.78 -18.80
C VAL A 723 -54.67 31.00 -19.43
N ILE A 724 -53.84 31.95 -19.93
CA ILE A 724 -54.40 33.15 -20.54
C ILE A 724 -55.24 32.79 -21.75
N TYR A 725 -54.72 31.87 -22.56
CA TYR A 725 -55.44 31.46 -23.80
C TYR A 725 -56.62 30.57 -23.42
N THR A 726 -56.56 29.88 -22.29
CA THR A 726 -57.72 29.14 -21.81
C THR A 726 -58.82 30.10 -21.35
N LYS A 727 -58.10 31.13 -20.64
CA LYS A 727 -59.08 32.16 -20.28
C LYS A 727 -59.77 32.71 -21.53
N LEU A 728 -58.79 32.87 -22.54
CA LEU A 728 -59.39 33.33 -23.79
C LEU A 728 -60.13 32.21 -24.53
N TYR A 729 -59.65 30.89 -24.13
CA TYR A 729 -60.33 29.80 -24.80
C TYR A 729 -61.83 29.84 -24.53
N CYS A 730 -61.99 30.04 -23.21
CA CYS A 730 -63.40 30.19 -22.88
C CYS A 730 -63.94 31.55 -23.32
N ASN A 731 -62.89 32.52 -23.25
CA ASN A 731 -63.30 33.86 -23.66
C ASN A 731 -63.50 33.94 -25.17
N ASN A 740 -63.99 35.92 -38.64
CA ASN A 740 -63.31 36.46 -39.81
C ASN A 740 -61.82 36.62 -39.57
N SER A 741 -61.22 37.92 -39.76
CA SER A 741 -59.81 38.17 -39.57
C SER A 741 -59.39 37.95 -38.12
N GLN A 742 -60.12 38.48 -37.16
CA GLN A 742 -59.80 38.27 -35.75
C GLN A 742 -59.80 36.79 -35.41
N SER A 743 -60.70 36.11 -35.91
CA SER A 743 -60.73 34.67 -35.69
C SER A 743 -59.51 34.00 -36.30
N SER A 744 -59.02 34.50 -37.49
CA SER A 744 -57.83 33.93 -38.11
C SER A 744 -56.58 34.20 -37.28
N MET A 745 -56.36 35.50 -36.76
CA MET A 745 -55.21 35.81 -35.91
C MET A 745 -55.22 34.97 -34.63
N ILE A 746 -56.32 34.90 -34.00
CA ILE A 746 -56.42 34.11 -32.79
C ILE A 746 -56.04 32.66 -33.07
N LYS A 747 -56.50 32.16 -34.07
CA LYS A 747 -56.16 30.79 -34.43
C LYS A 747 -54.67 30.62 -34.71
N HIS A 748 -54.02 31.65 -35.30
CA HIS A 748 -52.59 31.56 -35.59
C HIS A 748 -51.76 31.59 -34.31
N VAL A 749 -52.10 32.48 -33.38
CA VAL A 749 -51.36 32.55 -32.12
C VAL A 749 -51.55 31.28 -31.31
N ALA A 750 -52.67 30.61 -31.57
CA ALA A 750 -52.93 29.31 -30.93
C ALA A 750 -51.90 28.28 -31.36
N TRP A 751 -51.88 27.95 -32.65
CA TRP A 751 -50.99 26.87 -33.16
C TRP A 751 -49.57 26.97 -32.58
N LEU A 752 -49.06 28.19 -32.40
CA LEU A 752 -47.64 28.31 -31.95
C LEU A 752 -47.54 27.96 -30.46
N ILE A 753 -48.50 28.38 -29.64
CA ILE A 753 -48.48 27.99 -28.20
C ILE A 753 -48.54 26.47 -28.12
N PHE A 754 -48.90 25.81 -29.22
CA PHE A 754 -49.05 24.33 -29.22
C PHE A 754 -47.83 23.69 -29.90
N THR A 755 -47.63 23.98 -31.19
CA THR A 755 -46.44 23.47 -31.91
C THR A 755 -45.22 23.54 -30.99
N ASN A 756 -45.10 24.61 -30.19
CA ASN A 756 -43.91 24.79 -29.32
C ASN A 756 -44.04 23.89 -28.09
N CYS A 757 -45.12 23.95 -27.32
CA CYS A 757 -45.21 23.18 -26.04
C CYS A 757 -44.60 21.77 -25.95
N ILE A 758 -44.92 20.85 -26.87
CA ILE A 758 -44.54 19.40 -26.81
C ILE A 758 -43.02 19.19 -26.78
N PHE A 759 -42.22 19.96 -27.55
CA PHE A 759 -40.74 19.76 -27.66
C PHE A 759 -40.04 20.24 -26.39
N PHE A 760 -40.50 21.39 -25.91
CA PHE A 760 -39.95 21.80 -24.61
C PHE A 760 -40.23 20.60 -23.71
N CYS A 761 -41.44 20.06 -23.80
CA CYS A 761 -41.78 18.82 -23.02
C CYS A 761 -40.69 17.76 -23.12
N PRO A 762 -40.35 17.14 -24.28
CA PRO A 762 -39.35 16.07 -24.26
C PRO A 762 -38.01 16.54 -23.67
N VAL A 763 -37.49 17.72 -24.07
CA VAL A 763 -36.14 18.06 -23.53
C VAL A 763 -36.19 18.14 -22.00
N ALA A 764 -37.24 18.78 -21.45
CA ALA A 764 -37.38 18.95 -19.98
C ALA A 764 -37.49 17.59 -19.27
N PHE A 765 -38.23 16.67 -19.87
CA PHE A 765 -38.31 15.31 -19.26
C PHE A 765 -36.91 14.70 -19.28
N PHE A 766 -36.22 14.69 -20.43
CA PHE A 766 -34.87 14.08 -20.32
C PHE A 766 -34.14 14.73 -19.14
N SER A 767 -34.26 16.05 -19.00
CA SER A 767 -33.59 16.79 -17.88
C SER A 767 -33.89 16.20 -16.49
N PHE A 768 -35.14 16.11 -16.04
CA PHE A 768 -35.33 15.61 -14.62
C PHE A 768 -35.02 14.10 -14.53
N ALA A 769 -33.74 13.69 -14.51
CA ALA A 769 -33.40 12.29 -14.71
C ALA A 769 -33.07 11.64 -13.37
N PRO A 770 -32.31 12.31 -12.51
CA PRO A 770 -31.94 11.61 -11.27
C PRO A 770 -33.10 11.33 -10.34
N LEU A 771 -34.33 12.25 -10.37
CA LEU A 771 -35.45 12.06 -9.45
C LEU A 771 -36.25 10.80 -9.76
N ILE A 772 -36.65 10.47 -11.04
CA ILE A 772 -37.43 9.30 -11.43
C ILE A 772 -36.59 8.22 -12.08
N THR A 773 -35.27 8.45 -12.39
CA THR A 773 -34.33 7.53 -13.02
C THR A 773 -34.69 7.28 -14.48
N ALA A 774 -35.87 7.70 -14.88
CA ALA A 774 -36.35 7.65 -16.26
C ALA A 774 -36.05 6.32 -16.95
N ILE A 775 -36.19 5.18 -16.14
CA ILE A 775 -35.90 3.84 -16.64
C ILE A 775 -34.51 3.80 -17.28
N SER A 776 -33.47 4.49 -16.77
CA SER A 776 -32.05 4.48 -17.15
C SER A 776 -31.88 4.79 -18.65
N ILE A 777 -32.24 6.00 -19.01
CA ILE A 777 -32.09 6.45 -20.40
C ILE A 777 -30.61 6.45 -20.78
N SER A 778 -30.18 5.80 -21.96
CA SER A 778 -28.82 5.78 -22.45
C SER A 778 -28.38 7.19 -22.85
N PRO A 779 -27.06 7.50 -22.68
CA PRO A 779 -26.58 8.84 -23.03
C PRO A 779 -26.61 9.16 -24.52
N GLU A 780 -26.60 8.15 -25.43
CA GLU A 780 -26.66 8.38 -26.87
C GLU A 780 -28.05 8.74 -27.36
N ILE A 781 -29.06 8.05 -26.89
CA ILE A 781 -30.43 8.39 -27.24
C ILE A 781 -30.77 9.79 -26.73
N MET A 782 -30.17 10.12 -25.54
CA MET A 782 -30.40 11.47 -25.00
C MET A 782 -29.80 12.53 -25.90
N LYS A 783 -28.47 12.29 -26.36
CA LYS A 783 -27.85 13.25 -27.26
C LYS A 783 -28.63 13.35 -28.57
N SER A 784 -29.09 12.21 -29.10
CA SER A 784 -29.85 12.24 -30.34
C SER A 784 -31.16 13.01 -30.19
N VAL A 785 -31.86 12.79 -29.09
CA VAL A 785 -33.12 13.49 -28.85
C VAL A 785 -32.87 14.99 -28.68
N THR A 786 -31.80 15.40 -27.99
CA THR A 786 -31.49 16.81 -27.79
C THR A 786 -31.15 17.49 -29.11
N LEU A 787 -30.42 16.84 -29.97
CA LEU A 787 -30.08 17.42 -31.27
C LEU A 787 -31.31 17.55 -32.17
N ILE A 788 -32.19 16.57 -32.17
CA ILE A 788 -33.33 16.60 -33.07
C ILE A 788 -34.36 17.63 -32.63
N PHE A 789 -34.59 17.67 -31.31
CA PHE A 789 -35.77 18.40 -30.86
C PHE A 789 -35.49 19.84 -30.42
N PHE A 790 -34.29 20.16 -29.94
CA PHE A 790 -34.03 21.51 -29.46
C PHE A 790 -34.17 22.56 -30.56
N PRO A 791 -33.61 22.43 -31.73
CA PRO A 791 -33.87 23.39 -32.81
C PRO A 791 -35.06 23.06 -33.70
N LEU A 792 -35.84 22.03 -33.34
CA LEU A 792 -36.95 21.62 -34.18
C LEU A 792 -38.01 22.71 -34.35
N PRO A 793 -38.46 23.43 -33.32
CA PRO A 793 -39.46 24.50 -33.56
C PRO A 793 -38.97 25.59 -34.49
N ALA A 794 -37.67 25.82 -34.60
CA ALA A 794 -37.14 26.89 -35.43
C ALA A 794 -37.49 26.74 -36.90
N CYS A 795 -37.76 25.51 -37.38
CA CYS A 795 -38.14 25.28 -38.77
C CYS A 795 -39.63 25.06 -38.95
N LEU A 796 -40.35 24.52 -37.97
CA LEU A 796 -41.79 24.36 -38.09
C LEU A 796 -42.55 25.66 -37.89
N ASN A 797 -42.04 26.59 -37.13
CA ASN A 797 -42.73 27.87 -36.93
C ASN A 797 -42.90 28.65 -38.23
N PRO A 798 -41.91 28.79 -39.11
CA PRO A 798 -42.16 29.54 -40.35
C PRO A 798 -43.05 28.81 -41.34
N VAL A 799 -43.00 27.49 -41.48
CA VAL A 799 -43.80 26.76 -42.45
C VAL A 799 -45.27 26.76 -42.08
N LEU A 800 -45.60 26.94 -40.82
CA LEU A 800 -47.00 27.10 -40.43
C LEU A 800 -47.56 28.45 -40.86
N TYR A 801 -46.65 29.33 -41.48
CA TYR A 801 -47.07 30.65 -41.94
C TYR A 801 -46.82 30.88 -43.42
N VAL A 802 -45.88 30.02 -44.09
CA VAL A 802 -45.59 30.23 -45.50
C VAL A 802 -46.62 29.57 -46.39
N PHE A 803 -46.73 28.25 -46.35
CA PHE A 803 -47.67 27.52 -47.20
C PHE A 803 -48.69 26.74 -46.41
N PHE A 804 -48.28 26.00 -45.39
CA PHE A 804 -49.22 25.24 -44.57
C PHE A 804 -50.02 26.18 -43.68
N ASN A 805 -51.38 25.88 -43.51
CA ASN A 805 -52.32 26.71 -42.75
C ASN A 805 -52.28 28.15 -43.23
N PRO A 806 -52.75 28.44 -44.44
CA PRO A 806 -52.61 29.79 -44.99
C PRO A 806 -53.61 30.75 -44.37
N LYS A 807 -53.13 31.90 -43.89
CA LYS A 807 -53.96 33.00 -43.40
C LYS A 807 -53.78 34.25 -44.23
N PHE A 808 -52.56 34.80 -44.35
CA PHE A 808 -52.35 36.09 -45.08
C PHE A 808 -51.03 36.06 -45.86
N LYS A 809 -50.47 34.91 -45.84
CA LYS A 809 -49.21 34.79 -46.62
C LYS A 809 -49.50 35.25 -48.04
N GLU A 810 -50.72 34.89 -48.48
CA GLU A 810 -51.04 35.23 -49.89
C GLU A 810 -50.95 36.75 -50.03
N ASP A 811 -51.58 37.42 -49.02
CA ASP A 811 -51.57 38.89 -49.09
C ASP A 811 -50.12 39.36 -49.18
N TRP A 812 -49.28 38.68 -48.33
CA TRP A 812 -47.88 39.17 -48.31
C TRP A 812 -47.29 39.07 -49.72
N LYS A 813 -47.42 37.88 -50.25
CA LYS A 813 -46.82 37.71 -51.58
C LYS A 813 -47.48 38.75 -52.49
N LEU A 814 -48.83 38.78 -52.26
CA LEU A 814 -49.57 39.72 -53.14
C LEU A 814 -48.93 41.10 -53.05
N LEU A 815 -48.95 41.58 -51.75
CA LEU A 815 -48.44 42.96 -51.64
C LEU A 815 -47.00 43.02 -52.11
N LYS A 816 -46.02 42.00 -51.64
CA LYS A 816 -44.58 42.12 -52.00
C LYS A 816 -44.41 42.10 -53.53
N ARG A 817 -45.15 41.12 -54.13
CA ARG A 817 -45.03 41.00 -55.61
C ARG A 817 -45.58 42.27 -56.26
N ARG A 818 -46.64 42.68 -55.64
CA ARG A 818 -47.17 43.96 -56.18
C ARG A 818 -46.07 45.01 -56.03
N VAL A 819 -45.27 44.81 -54.85
CA VAL A 819 -44.16 45.78 -54.61
C VAL A 819 -43.10 45.58 -55.70
N THR A 820 -42.60 44.20 -55.80
CA THR A 820 -41.54 43.94 -56.81
C THR A 820 -42.02 44.43 -58.18
N SER B 4 29.10 -38.72 30.30
CA SER B 4 28.51 -37.38 30.22
C SER B 4 29.50 -36.40 29.62
N ASP B 5 29.90 -36.69 28.41
CA ASP B 5 30.84 -35.82 27.73
C ASP B 5 30.15 -34.50 27.37
N PRO B 6 30.71 -33.36 27.64
CA PRO B 6 30.05 -32.08 27.32
C PRO B 6 29.80 -31.87 25.84
N ARG B 7 30.44 -32.59 24.96
CA ARG B 7 30.32 -32.41 23.53
C ARG B 7 29.31 -33.36 22.89
N ARG B 8 28.48 -34.09 23.71
CA ARG B 8 27.51 -35.02 23.17
C ARG B 8 26.33 -34.28 22.56
N CYS B 9 25.48 -35.02 21.79
CA CYS B 9 24.29 -34.46 21.15
C CYS B 9 23.20 -34.23 22.19
N MET B 10 23.09 -33.03 22.75
CA MET B 10 22.11 -32.69 23.77
C MET B 10 21.33 -31.43 23.38
N ARG B 11 20.45 -30.94 24.31
CA ARG B 11 19.54 -29.83 24.03
C ARG B 11 19.86 -28.65 24.95
N HIS B 12 19.75 -27.45 24.40
CA HIS B 12 20.04 -26.23 25.13
C HIS B 12 18.88 -25.25 24.98
N HIS B 13 18.76 -24.32 25.95
CA HIS B 13 17.71 -23.32 25.96
C HIS B 13 18.29 -21.93 25.76
N TYR B 14 17.54 -21.00 25.10
CA TYR B 14 17.94 -19.61 24.90
C TYR B 14 16.68 -18.77 24.72
N VAL B 15 16.83 -17.44 24.89
CA VAL B 15 15.73 -16.49 24.79
C VAL B 15 15.91 -15.65 23.54
N ASP B 16 14.82 -15.45 22.82
CA ASP B 16 14.81 -14.63 21.62
C ASP B 16 13.64 -13.65 21.69
N SER B 17 13.75 -12.47 21.09
CA SER B 17 12.73 -11.43 21.05
C SER B 17 12.04 -11.44 19.69
N ILE B 18 10.63 -11.56 19.56
CA ILE B 18 9.82 -11.69 18.35
C ILE B 18 9.04 -10.40 18.16
N SER B 19 9.17 -9.75 16.99
CA SER B 19 8.43 -8.55 16.63
C SER B 19 8.09 -8.59 15.15
N HIS B 20 6.82 -8.11 14.80
CA HIS B 20 6.39 -8.14 13.41
C HIS B 20 7.19 -7.12 12.59
N PRO B 21 7.59 -7.36 11.42
CA PRO B 21 8.44 -6.44 10.65
C PRO B 21 7.70 -5.23 10.11
N LEU B 22 6.44 -5.31 9.83
CA LEU B 22 5.68 -4.22 9.21
C LEU B 22 4.66 -3.62 10.16
N TYR B 23 3.78 -4.41 10.70
CA TYR B 23 2.74 -3.87 11.57
C TYR B 23 3.32 -3.48 12.93
N LYS B 24 2.79 -2.42 13.50
CA LYS B 24 3.21 -1.91 14.80
C LYS B 24 2.71 -2.86 15.88
N CYS B 25 3.63 -3.73 16.34
CA CYS B 25 3.29 -4.73 17.34
C CYS B 25 4.32 -4.73 18.45
N SER B 26 3.87 -4.88 19.69
CA SER B 26 4.77 -4.92 20.84
C SER B 26 5.61 -6.20 20.80
N SER B 27 6.96 -6.06 21.14
CA SER B 27 7.88 -7.19 21.10
C SER B 27 7.60 -8.16 22.25
N LYS B 28 7.87 -9.38 22.06
CA LYS B 28 7.72 -10.43 23.05
C LYS B 28 9.03 -11.19 23.21
N MET B 29 9.34 -11.66 24.45
CA MET B 29 10.52 -12.45 24.76
C MET B 29 10.07 -13.88 25.03
N VAL B 30 10.66 -14.84 24.26
CA VAL B 30 10.23 -16.24 24.32
C VAL B 30 11.45 -17.12 24.53
N LEU B 31 11.18 -18.37 25.04
CA LEU B 31 12.22 -19.35 25.34
C LEU B 31 12.22 -20.43 24.26
N LEU B 32 13.37 -20.75 23.69
CA LEU B 32 13.51 -21.69 22.59
C LEU B 32 14.53 -22.76 22.96
N ALA B 33 14.31 -24.02 22.46
CA ALA B 33 15.19 -25.16 22.69
C ALA B 33 16.05 -25.41 21.45
N ARG B 34 17.33 -25.60 21.68
CA ARG B 34 18.29 -25.83 20.60
C ARG B 34 19.13 -27.06 20.93
N CYS B 35 19.37 -27.88 19.94
CA CYS B 35 20.14 -29.10 20.09
C CYS B 35 21.47 -28.98 19.38
N GLU B 36 22.58 -29.27 20.07
CA GLU B 36 23.91 -29.18 19.52
C GLU B 36 24.81 -30.17 20.25
N GLY B 37 25.81 -30.69 19.54
CA GLY B 37 26.75 -31.63 20.13
C GLY B 37 27.46 -32.44 19.06
N HIS B 38 28.04 -33.56 19.48
CA HIS B 38 28.77 -34.46 18.60
C HIS B 38 28.26 -35.88 18.79
N CYS B 39 28.43 -36.71 17.74
CA CYS B 39 28.04 -38.12 17.77
C CYS B 39 29.28 -39.00 17.71
N SER B 40 29.21 -40.14 18.38
CA SER B 40 30.33 -41.07 18.39
C SER B 40 30.60 -41.63 17.00
N GLN B 41 29.52 -41.94 16.22
CA GLN B 41 29.69 -42.51 14.89
C GLN B 41 30.30 -41.49 13.93
N ALA B 42 31.22 -41.95 13.08
CA ALA B 42 31.89 -41.12 12.11
C ALA B 42 31.18 -41.19 10.76
N SER B 43 31.70 -40.41 9.76
CA SER B 43 31.17 -40.38 8.40
C SER B 43 32.15 -41.02 7.43
N ARG B 44 31.62 -41.50 6.33
CA ARG B 44 32.45 -42.19 5.35
C ARG B 44 31.80 -42.11 3.98
N SER B 45 32.59 -42.33 3.01
CA SER B 45 32.11 -42.36 1.64
C SER B 45 32.98 -43.35 0.85
N GLU B 46 32.33 -44.38 0.30
CA GLU B 46 33.06 -45.42 -0.41
C GLU B 46 32.66 -45.43 -1.88
N PRO B 47 33.58 -45.79 -2.79
CA PRO B 47 33.27 -45.77 -4.23
C PRO B 47 32.38 -46.95 -4.60
N LEU B 48 31.25 -46.63 -5.24
CA LEU B 48 30.37 -47.67 -5.75
C LEU B 48 30.98 -48.30 -6.99
N VAL B 49 31.06 -49.61 -6.99
CA VAL B 49 31.63 -50.36 -8.10
C VAL B 49 30.48 -50.67 -9.06
N SER B 50 30.39 -49.88 -10.11
CA SER B 50 29.35 -50.04 -11.12
C SER B 50 29.89 -50.79 -12.32
N PHE B 51 29.05 -51.59 -12.91
CA PHE B 51 29.39 -52.36 -14.11
C PHE B 51 28.45 -51.92 -15.22
N SER B 52 28.83 -50.84 -15.90
CA SER B 52 28.04 -50.27 -16.99
C SER B 52 28.89 -49.20 -17.67
N THR B 53 28.30 -48.54 -18.66
CA THR B 53 28.96 -47.45 -19.37
C THR B 53 28.59 -46.08 -18.82
N VAL B 54 27.78 -46.02 -17.79
CA VAL B 54 27.34 -44.76 -17.19
C VAL B 54 27.55 -44.82 -15.69
N LEU B 55 28.09 -43.75 -15.13
CA LEU B 55 28.36 -43.65 -13.70
C LEU B 55 27.45 -42.61 -13.09
N LYS B 56 26.83 -42.97 -11.98
CA LYS B 56 25.90 -42.08 -11.29
C LYS B 56 26.21 -42.11 -9.80
N GLN B 57 26.62 -40.96 -9.25
CA GLN B 57 26.97 -40.73 -7.85
C GLN B 57 27.64 -41.94 -7.21
N PRO B 58 28.84 -42.36 -7.68
CA PRO B 58 29.49 -43.58 -7.18
C PRO B 58 30.16 -43.41 -5.81
N PHE B 59 29.44 -42.88 -4.84
CA PHE B 59 29.92 -42.70 -3.48
C PHE B 59 28.84 -43.12 -2.50
N ARG B 60 29.12 -44.17 -1.70
CA ARG B 60 28.19 -44.64 -0.67
C ARG B 60 28.48 -43.87 0.60
N SER B 61 27.75 -42.77 0.79
CA SER B 61 27.95 -41.90 1.93
C SER B 61 27.13 -42.36 3.13
N SER B 62 27.64 -42.16 4.32
CA SER B 62 26.93 -42.49 5.56
C SER B 62 27.39 -41.51 6.63
N CYS B 63 26.60 -40.46 6.85
CA CYS B 63 26.95 -39.40 7.78
C CYS B 63 25.81 -39.19 8.76
N HIS B 64 26.12 -39.15 10.06
CA HIS B 64 25.14 -38.96 11.12
C HIS B 64 25.17 -37.53 11.65
N CYS B 65 23.99 -36.98 11.97
CA CYS B 65 23.87 -35.60 12.46
C CYS B 65 22.93 -35.57 13.64
N CYS B 66 23.13 -34.56 14.53
CA CYS B 66 22.31 -34.36 15.72
C CYS B 66 21.08 -33.56 15.33
N ARG B 67 19.94 -34.20 15.26
CA ARG B 67 18.71 -33.60 14.77
C ARG B 67 17.57 -33.88 15.73
N PRO B 68 16.53 -33.03 15.71
CA PRO B 68 15.38 -33.25 16.61
C PRO B 68 14.67 -34.57 16.32
N GLN B 69 14.10 -35.12 17.36
CA GLN B 69 13.34 -36.36 17.28
C GLN B 69 11.85 -36.16 17.49
N THR B 70 11.48 -35.53 18.59
CA THR B 70 10.08 -35.25 18.87
C THR B 70 9.92 -33.75 19.13
N SER B 71 8.89 -33.16 18.54
CA SER B 71 8.62 -31.74 18.68
C SER B 71 7.12 -31.51 18.65
N LYS B 72 6.72 -30.35 19.18
CA LYS B 72 5.33 -29.96 19.20
C LYS B 72 5.20 -28.54 18.66
N LEU B 73 4.05 -28.27 18.04
CA LEU B 73 3.79 -26.98 17.39
C LEU B 73 2.99 -26.08 18.32
N LYS B 74 3.56 -24.93 18.64
CA LYS B 74 2.90 -23.95 19.50
C LYS B 74 2.88 -22.60 18.81
N ALA B 75 1.83 -21.81 18.94
CA ALA B 75 1.62 -20.52 18.31
C ALA B 75 1.63 -19.42 19.35
N LEU B 76 2.20 -18.28 19.00
CA LEU B 76 2.31 -17.12 19.88
C LEU B 76 1.42 -16.01 19.36
N ARG B 77 0.56 -15.49 20.22
CA ARG B 77 -0.34 -14.40 19.87
C ARG B 77 0.35 -13.07 20.13
N LEU B 78 0.57 -12.47 18.93
CA LEU B 78 1.29 -11.20 19.01
C LEU B 78 0.28 -10.07 18.95
N ARG B 79 0.32 -9.15 19.88
CA ARG B 79 -0.61 -8.03 19.96
C ARG B 79 0.03 -6.80 19.31
N CYS B 80 -0.63 -6.22 18.38
CA CYS B 80 -0.14 -5.11 17.59
C CYS B 80 -0.95 -3.85 17.90
N SER B 81 -0.47 -2.82 17.25
CA SER B 81 -1.15 -1.54 17.47
C SER B 81 -2.60 -1.61 16.99
N GLY B 82 -3.41 -0.92 17.75
CA GLY B 82 -4.83 -0.94 17.41
C GLY B 82 -5.41 -2.33 17.58
N GLY B 83 -6.19 -2.75 16.64
CA GLY B 83 -6.77 -4.07 16.65
C GLY B 83 -6.10 -5.02 15.67
N MET B 84 -5.31 -5.91 16.19
CA MET B 84 -4.62 -6.88 15.35
C MET B 84 -4.15 -8.03 16.23
N ARG B 85 -4.22 -9.28 15.72
CA ARG B 85 -3.90 -10.50 16.45
C ARG B 85 -2.94 -11.37 15.65
N LEU B 86 -1.88 -10.77 15.16
CA LEU B 86 -0.88 -11.51 14.39
C LEU B 86 -0.33 -12.67 15.21
N THR B 87 -0.20 -13.82 14.57
CA THR B 87 0.22 -15.05 15.23
C THR B 87 1.54 -15.53 14.66
N ALA B 88 2.45 -15.82 15.60
CA ALA B 88 3.74 -16.40 15.22
C ALA B 88 3.79 -17.83 15.70
N THR B 89 4.26 -18.76 14.88
CA THR B 89 4.27 -20.18 15.17
C THR B 89 5.68 -20.73 15.05
N TYR B 90 5.98 -21.71 15.89
CA TYR B 90 7.28 -22.36 15.89
C TYR B 90 7.13 -23.72 16.56
N ARG B 91 7.98 -24.55 16.29
CA ARG B 91 8.01 -25.89 16.88
C ARG B 91 8.99 -25.93 18.04
N TYR B 92 8.49 -26.45 19.13
CA TYR B 92 9.31 -26.57 20.32
C TYR B 92 9.91 -27.97 20.38
N ILE B 93 11.23 -28.01 20.52
CA ILE B 93 11.94 -29.29 20.51
C ILE B 93 11.78 -29.97 21.87
N LEU B 94 11.32 -31.22 21.83
CA LEU B 94 11.15 -32.01 23.05
C LEU B 94 12.29 -32.97 23.29
N SER B 95 12.86 -33.56 22.25
CA SER B 95 13.97 -34.50 22.39
C SER B 95 14.80 -34.48 21.11
N CYS B 96 16.04 -34.98 21.24
CA CYS B 96 16.97 -34.99 20.12
C CYS B 96 17.80 -36.27 20.15
N HIS B 97 18.27 -36.71 19.06
CA HIS B 97 19.12 -37.88 18.91
C HIS B 97 20.00 -37.67 17.69
N CYS B 98 20.90 -38.66 17.30
CA CYS B 98 21.78 -38.63 16.13
C CYS B 98 21.20 -39.52 15.05
N GLU B 99 20.94 -38.96 13.86
CA GLU B 99 20.39 -39.70 12.73
C GLU B 99 21.15 -39.32 11.47
N GLU B 100 21.16 -40.25 10.51
CA GLU B 100 21.89 -40.05 9.27
C GLU B 100 21.30 -38.90 8.47
N CYS B 101 22.21 -38.11 7.86
CA CYS B 101 21.74 -36.99 7.05
C CYS B 101 20.97 -37.49 5.83
N ASN B 102 21.52 -38.52 5.16
CA ASN B 102 20.83 -39.06 3.99
C ASN B 102 19.62 -39.89 4.39
N SER B 103 19.79 -40.70 5.46
CA SER B 103 18.69 -41.54 5.93
C SER B 103 18.47 -41.36 7.42
N ASP C 5 46.26 -35.35 15.98
CA ASP C 5 44.95 -35.89 16.31
C ASP C 5 44.51 -36.90 15.27
N PRO C 6 44.43 -38.30 15.60
CA PRO C 6 44.04 -39.35 14.64
C PRO C 6 42.56 -39.36 14.30
N ARG C 7 41.72 -38.67 14.91
CA ARG C 7 40.27 -38.67 14.68
C ARG C 7 39.84 -37.64 13.64
N ARG C 8 40.75 -37.06 12.96
CA ARG C 8 40.40 -36.06 11.97
C ARG C 8 39.95 -36.71 10.66
N CYS C 9 39.28 -36.03 9.77
CA CYS C 9 38.77 -36.50 8.48
C CYS C 9 39.93 -36.76 7.54
N MET C 10 40.27 -38.15 7.36
CA MET C 10 41.39 -38.57 6.52
C MET C 10 40.88 -39.52 5.42
N ARG C 11 41.88 -40.10 4.54
CA ARG C 11 41.59 -41.03 3.46
C ARG C 11 42.28 -42.35 3.75
N HIS C 12 41.55 -43.42 3.86
CA HIS C 12 42.08 -44.75 4.12
C HIS C 12 42.12 -45.56 2.83
N HIS C 13 42.47 -46.89 2.60
CA HIS C 13 42.62 -47.79 1.48
C HIS C 13 42.17 -49.19 1.88
N TYR C 14 41.61 -49.93 0.89
CA TYR C 14 41.19 -51.31 1.12
C TYR C 14 41.26 -52.05 -0.21
N VAL C 15 41.07 -53.29 -0.08
CA VAL C 15 41.05 -54.12 -1.27
C VAL C 15 39.69 -54.78 -1.40
N ASP C 16 39.76 -55.36 -2.53
CA ASP C 16 38.48 -56.00 -2.81
C ASP C 16 38.59 -56.80 -4.10
N SER C 17 38.33 -58.02 -4.05
CA SER C 17 38.33 -58.85 -5.24
C SER C 17 37.25 -58.38 -6.22
N ILE C 18 37.72 -58.56 -7.57
CA ILE C 18 36.82 -58.11 -8.64
C ILE C 18 36.48 -59.31 -9.50
N SER C 19 35.32 -59.65 -9.70
CA SER C 19 34.85 -60.70 -10.58
C SER C 19 33.43 -60.35 -11.02
N HIS C 20 33.16 -60.48 -12.39
CA HIS C 20 31.85 -60.10 -12.92
C HIS C 20 30.80 -61.10 -12.46
N PRO C 21 29.80 -60.61 -11.70
CA PRO C 21 28.81 -61.50 -11.14
C PRO C 21 27.78 -61.89 -12.21
N LEU C 22 27.31 -60.94 -13.01
CA LEU C 22 26.23 -61.30 -13.96
C LEU C 22 26.72 -62.38 -14.92
N TYR C 23 28.03 -62.56 -15.06
CA TYR C 23 28.57 -63.55 -16.02
C TYR C 23 29.91 -64.02 -15.49
N LYS C 24 30.19 -65.32 -15.60
CA LYS C 24 31.41 -65.88 -14.98
C LYS C 24 32.60 -64.98 -15.21
N CYS C 25 33.46 -64.72 -14.19
CA CYS C 25 34.67 -64.00 -14.58
C CYS C 25 35.79 -64.40 -13.64
N SER C 26 36.93 -63.89 -14.01
CA SER C 26 38.09 -64.16 -13.17
C SER C 26 38.07 -63.22 -11.97
N SER C 27 38.84 -62.88 -11.10
CA SER C 27 38.97 -62.00 -9.94
C SER C 27 40.28 -61.24 -10.04
N LYS C 28 40.06 -59.92 -9.53
CA LYS C 28 41.25 -59.07 -9.54
C LYS C 28 41.13 -58.06 -8.41
N MET C 29 42.19 -57.81 -7.71
CA MET C 29 42.22 -56.93 -6.55
C MET C 29 42.85 -55.60 -6.93
N VAL C 30 42.05 -54.47 -6.60
CA VAL C 30 42.51 -53.12 -6.90
C VAL C 30 42.42 -52.29 -5.63
N LEU C 31 43.25 -51.24 -5.53
CA LEU C 31 43.31 -50.38 -4.36
C LEU C 31 42.29 -49.27 -4.49
N LEU C 32 41.34 -49.23 -3.49
CA LEU C 32 40.32 -48.20 -3.47
C LEU C 32 40.64 -47.18 -2.37
N ALA C 33 39.76 -46.22 -2.31
CA ALA C 33 39.95 -45.15 -1.33
C ALA C 33 38.60 -44.75 -0.75
N ARG C 34 38.65 -44.38 0.49
CA ARG C 34 37.43 -43.95 1.18
C ARG C 34 37.81 -42.97 2.27
N CYS C 35 36.91 -42.32 2.74
CA CYS C 35 37.10 -41.34 3.81
C CYS C 35 36.45 -41.84 5.10
N GLU C 36 36.96 -41.32 6.28
CA GLU C 36 36.45 -41.67 7.59
C GLU C 36 37.08 -40.76 8.63
N GLY C 37 36.37 -40.32 9.57
CA GLY C 37 36.88 -39.48 10.64
C GLY C 37 35.80 -38.51 11.11
N HIS C 38 36.19 -37.70 12.22
CA HIS C 38 35.32 -36.72 12.83
C HIS C 38 35.87 -35.32 12.56
N CYS C 39 34.97 -34.37 12.30
CA CYS C 39 35.36 -32.99 12.06
C CYS C 39 35.16 -32.15 13.31
N SER C 40 35.90 -31.06 13.38
CA SER C 40 35.85 -30.20 14.56
C SER C 40 34.50 -29.51 14.68
N GLN C 41 33.91 -29.08 13.53
CA GLN C 41 32.66 -28.36 13.58
C GLN C 41 31.52 -29.26 14.07
N ALA C 42 30.68 -28.69 14.90
CA ALA C 42 29.55 -29.41 15.46
C ALA C 42 28.30 -29.20 14.60
N SER C 43 27.22 -29.88 14.98
CA SER C 43 25.95 -29.78 14.28
C SER C 43 24.90 -29.19 15.20
N ARG C 44 24.08 -28.32 14.67
CA ARG C 44 23.04 -27.66 15.45
C ARG C 44 21.79 -27.50 14.61
N SER C 45 20.66 -27.37 15.30
CA SER C 45 19.36 -27.20 14.64
C SER C 45 18.52 -26.24 15.47
N GLU C 46 18.22 -25.16 14.83
CA GLU C 46 17.45 -24.13 15.52
C GLU C 46 16.08 -23.95 14.86
N PRO C 47 14.96 -23.70 15.58
CA PRO C 47 13.62 -23.51 15.01
C PRO C 47 13.50 -22.17 14.30
N LEU C 48 12.48 -22.11 13.39
CA LEU C 48 12.18 -20.89 12.65
C LEU C 48 10.80 -20.37 13.05
N VAL C 49 10.68 -19.07 12.95
CA VAL C 49 9.44 -18.41 13.32
C VAL C 49 8.89 -17.69 12.10
N SER C 50 7.64 -17.78 11.94
CA SER C 50 6.98 -17.18 10.80
C SER C 50 5.60 -16.69 11.22
N PHE C 51 5.01 -15.50 10.94
CA PHE C 51 3.72 -14.90 11.28
C PHE C 51 2.60 -15.34 10.33
N SER C 52 2.82 -16.21 9.27
CA SER C 52 1.80 -16.68 8.34
C SER C 52 0.99 -17.81 8.95
N THR C 53 -0.34 -17.96 8.46
CA THR C 53 -1.21 -19.02 8.96
C THR C 53 -0.70 -20.39 8.53
N VAL C 54 -0.24 -20.51 7.27
CA VAL C 54 0.30 -21.78 6.77
C VAL C 54 1.71 -21.97 7.31
N LEU C 55 2.07 -23.16 7.86
CA LEU C 55 3.38 -23.45 8.42
C LEU C 55 4.40 -23.65 7.30
N LYS C 56 5.66 -23.79 7.70
CA LYS C 56 6.76 -23.93 6.76
C LYS C 56 7.80 -24.86 7.39
N GLN C 57 9.06 -24.86 6.87
CA GLN C 57 10.16 -25.68 7.38
C GLN C 57 10.41 -25.37 8.85
N PRO C 58 10.14 -26.29 9.76
CA PRO C 58 10.18 -25.98 11.20
C PRO C 58 11.57 -25.62 11.71
N PHE C 59 12.64 -26.21 11.21
CA PHE C 59 13.97 -26.07 11.79
C PHE C 59 14.98 -25.68 10.73
N ARG C 60 16.09 -25.10 11.19
CA ARG C 60 17.24 -24.77 10.36
C ARG C 60 18.42 -25.55 10.89
N SER C 61 18.87 -26.69 10.13
CA SER C 61 19.87 -27.62 10.61
C SER C 61 21.16 -27.47 9.80
N SER C 62 22.39 -27.42 10.38
CA SER C 62 23.71 -27.38 9.76
C SER C 62 24.51 -28.58 10.25
N CYS C 63 25.25 -29.21 9.40
CA CYS C 63 26.00 -30.42 9.74
C CYS C 63 27.12 -30.61 8.72
N HIS C 64 28.32 -30.87 9.20
CA HIS C 64 29.47 -31.11 8.35
C HIS C 64 29.79 -32.59 8.27
N CYS C 65 30.16 -33.05 7.07
CA CYS C 65 30.46 -34.45 6.83
C CYS C 65 31.77 -34.60 6.08
N CYS C 66 32.51 -35.67 6.33
CA CYS C 66 33.78 -35.98 5.68
C CYS C 66 33.47 -36.61 4.32
N ARG C 67 33.55 -35.82 3.26
CA ARG C 67 33.13 -36.24 1.92
C ARG C 67 34.24 -35.98 0.91
N PRO C 68 34.29 -36.77 -0.17
CA PRO C 68 35.38 -36.63 -1.14
C PRO C 68 35.35 -35.29 -1.85
N GLN C 69 36.52 -34.88 -2.29
CA GLN C 69 36.70 -33.62 -3.02
C GLN C 69 37.08 -33.84 -4.48
N THR C 70 38.08 -34.64 -4.74
CA THR C 70 38.54 -34.89 -6.10
C THR C 70 38.48 -36.39 -6.39
N SER C 71 38.02 -36.94 -7.77
CA SER C 71 37.85 -38.34 -8.17
C SER C 71 38.31 -38.50 -9.61
N LYS C 72 38.67 -39.77 -10.01
CA LYS C 72 39.14 -40.11 -11.35
C LYS C 72 38.44 -41.37 -11.83
N LEU C 73 37.97 -41.08 -12.98
CA LEU C 73 37.26 -42.19 -13.58
C LEU C 73 38.24 -43.15 -14.22
N LYS C 74 38.05 -44.32 -13.71
CA LYS C 74 38.95 -45.35 -14.20
C LYS C 74 38.12 -46.53 -14.70
N ALA C 75 38.87 -47.45 -15.33
CA ALA C 75 38.22 -48.64 -15.84
C ALA C 75 39.18 -49.82 -15.71
N LEU C 76 38.54 -51.01 -15.75
CA LEU C 76 39.29 -52.25 -15.50
C LEU C 76 38.67 -53.39 -16.29
N ARG C 77 39.25 -53.76 -17.43
CA ARG C 77 38.71 -54.94 -18.14
C ARG C 77 39.07 -56.20 -17.33
N LEU C 78 38.20 -57.21 -17.34
CA LEU C 78 38.42 -58.42 -16.51
C LEU C 78 38.35 -59.62 -17.45
N ARG C 79 38.08 -60.82 -16.95
CA ARG C 79 37.93 -62.00 -17.79
C ARG C 79 36.68 -62.75 -17.33
N CYS C 80 35.65 -62.55 -18.08
CA CYS C 80 34.37 -63.18 -17.78
C CYS C 80 34.21 -64.53 -18.47
N SER C 81 35.32 -64.90 -18.84
CA SER C 81 35.27 -66.19 -19.53
C SER C 81 34.27 -66.17 -20.68
N GLY C 82 34.28 -65.11 -21.48
CA GLY C 82 33.26 -65.02 -22.56
C GLY C 82 33.81 -64.75 -23.94
N GLY C 83 33.00 -64.15 -24.80
CA GLY C 83 33.44 -63.78 -26.16
C GLY C 83 34.09 -62.41 -26.08
N MET C 84 34.03 -61.79 -24.90
CA MET C 84 34.67 -60.46 -24.70
C MET C 84 34.65 -60.15 -23.21
N ARG C 85 35.50 -59.22 -22.78
CA ARG C 85 35.49 -58.77 -21.36
C ARG C 85 34.48 -57.62 -21.30
N LEU C 86 33.82 -57.40 -20.15
CA LEU C 86 32.75 -56.38 -20.11
C LEU C 86 33.14 -55.12 -19.31
N THR C 87 34.32 -55.04 -18.67
CA THR C 87 34.73 -53.75 -18.06
C THR C 87 33.97 -53.38 -16.78
N ALA C 88 34.45 -52.40 -16.00
CA ALA C 88 33.82 -51.89 -14.77
C ALA C 88 34.02 -50.39 -14.68
N THR C 89 33.94 -49.81 -13.50
CA THR C 89 34.28 -48.37 -13.37
C THR C 89 34.19 -47.89 -11.94
N TYR C 90 34.85 -46.81 -11.58
CA TYR C 90 34.67 -46.24 -10.23
C TYR C 90 35.30 -44.86 -10.18
N ARG C 91 35.42 -44.21 -9.01
CA ARG C 91 36.16 -42.97 -8.85
C ARG C 91 37.22 -43.14 -7.78
N TYR C 92 38.45 -42.73 -8.10
CA TYR C 92 39.61 -42.98 -7.20
C TYR C 92 39.85 -41.76 -6.29
N ILE C 93 39.15 -41.65 -5.16
CA ILE C 93 39.29 -40.45 -4.29
C ILE C 93 40.78 -40.14 -4.19
N LEU C 94 41.16 -38.86 -4.37
CA LEU C 94 42.58 -38.43 -4.27
C LEU C 94 42.71 -37.47 -3.10
N SER C 95 41.61 -36.83 -2.71
CA SER C 95 41.64 -35.94 -1.53
C SER C 95 40.25 -35.86 -0.91
N CYS C 96 40.18 -35.77 0.40
CA CYS C 96 38.93 -35.77 1.13
C CYS C 96 38.94 -34.65 2.16
N HIS C 97 37.76 -34.04 2.39
CA HIS C 97 37.64 -32.92 3.32
C HIS C 97 36.20 -32.85 3.80
N CYS C 98 36.00 -32.07 4.90
CA CYS C 98 34.67 -31.90 5.46
C CYS C 98 33.86 -30.91 4.62
N GLU C 99 32.51 -31.16 4.50
CA GLU C 99 31.61 -30.26 3.80
C GLU C 99 30.20 -30.45 4.33
N GLU C 100 29.37 -29.41 4.14
CA GLU C 100 27.99 -29.47 4.58
C GLU C 100 27.23 -30.57 3.84
N CYS C 101 26.41 -31.29 4.62
CA CYS C 101 25.58 -32.30 3.99
C CYS C 101 24.58 -31.67 3.03
N ASN C 102 23.89 -30.59 3.53
CA ASN C 102 22.92 -29.87 2.71
C ASN C 102 23.58 -28.60 2.19
N SER C 103 24.46 -28.74 1.24
CA SER C 103 25.17 -27.62 0.65
C SER C 103 24.87 -27.51 -0.85
#